data_5UYT
#
_entry.id   5UYT
#
_cell.length_a   119.826
_cell.length_b   119.826
_cell.length_c   367.764
_cell.angle_alpha   90.00
_cell.angle_beta   90.00
_cell.angle_gamma   120.00
#
_symmetry.space_group_name_H-M   'H 3 2'
#
loop_
_entity.id
_entity.type
_entity.pdbx_description
1 polymer 'Ice-binding protein'
2 non-polymer 'NITRATE ION'
3 water water
#
_entity_poly.entity_id   1
_entity_poly.type   'polypeptide(L)'
_entity_poly.pdbx_seq_one_letter_code
;MQAPTLGAAANFALFTTAGAVTNTGLSHITGDVGTNNAASTNFGNVDGVMQDSNGATSAAAADLLIAYNLLNAAIPTATL
APLLGNGTTLTAGNYFIGQGASLSGTLTLDGGGNSNSVFIFKIQGALSSAANTQVLLTNGALACNVFWKVEGLVDLATNT
VMKGNVVANNAAIVLQSGVSLEGRALSTTGAITVTGVTVRKPILCGSAVLTGPVAPNLGTVVCYTIFSGNGALTNAGITY
VTGDVGTNVGLTTGFQADNVNGTIHSNPDTSTAQAALDLNNAYTYLNTLPTDIELLYPAAFGQNLVLTPHTYLLNAATVL
NGKVTLDAQGNENAVFVIKINGALSTTVNASVELINGAIAKNVFWKVDGAVDLNDYTKFKGSVIGNNGAVIINTGVEIEG
RVLSTSGGISTFGINAQMTPGCELLGTGSNTVAIQAAKFYPNPFSSVLNVTMEDLNGGSTLTIYNAAGSQVFSKVLSTKT
TSLSMKLPAGVYFYQMIGKNGAKQAGKLIAKPHHHHHH
;
_entity_poly.pdbx_strand_id   A,B
#
loop_
_chem_comp.id
_chem_comp.type
_chem_comp.name
_chem_comp.formula
NO3 non-polymer 'NITRATE ION' 'N O3 -1'
#
# COMPACT_ATOMS: atom_id res chain seq x y z
N GLN A 2 47.92 -31.57 -30.17
CA GLN A 2 46.77 -31.46 -29.24
C GLN A 2 47.13 -30.67 -27.98
N ALA A 3 46.33 -29.64 -27.66
CA ALA A 3 46.47 -28.91 -26.38
C ALA A 3 46.27 -29.89 -25.21
N PRO A 4 46.92 -29.63 -24.04
CA PRO A 4 46.78 -30.60 -22.95
C PRO A 4 45.39 -30.63 -22.35
N THR A 5 44.90 -31.82 -22.07
CA THR A 5 43.65 -31.94 -21.35
C THR A 5 43.84 -31.64 -19.86
N LEU A 6 42.87 -30.92 -19.29
CA LEU A 6 42.80 -30.71 -17.84
C LEU A 6 41.97 -31.75 -17.10
N GLY A 7 41.26 -32.60 -17.85
CA GLY A 7 40.32 -33.57 -17.28
C GLY A 7 39.38 -32.93 -16.28
N ALA A 8 39.40 -33.42 -15.04
CA ALA A 8 38.45 -32.98 -14.01
C ALA A 8 38.80 -31.58 -13.46
N ALA A 9 40.07 -31.21 -13.53
CA ALA A 9 40.46 -29.85 -13.16
C ALA A 9 39.70 -28.79 -13.97
N ALA A 10 39.29 -29.14 -15.20
CA ALA A 10 38.48 -28.22 -16.04
C ALA A 10 37.21 -27.68 -15.35
N ASN A 11 36.66 -28.44 -14.40
CA ASN A 11 35.42 -28.02 -13.69
C ASN A 11 35.60 -26.79 -12.83
N PHE A 12 36.87 -26.45 -12.54
CA PHE A 12 37.19 -25.45 -11.54
C PHE A 12 37.56 -24.10 -12.15
N ALA A 13 37.19 -23.04 -11.43
CA ALA A 13 37.75 -21.71 -11.60
C ALA A 13 39.00 -21.54 -10.74
N LEU A 14 38.94 -22.01 -9.50
CA LEU A 14 40.05 -21.89 -8.54
C LEU A 14 40.24 -23.25 -7.89
N PHE A 15 41.46 -23.78 -7.95
CA PHE A 15 41.71 -25.09 -7.36
C PHE A 15 43.16 -25.25 -6.91
N THR A 16 43.33 -25.78 -5.71
CA THR A 16 44.66 -26.25 -5.28
C THR A 16 44.61 -27.68 -4.79
N THR A 17 45.63 -28.43 -5.14
CA THR A 17 45.80 -29.79 -4.67
C THR A 17 46.06 -29.81 -3.15
N ALA A 18 46.69 -28.75 -2.64
CA ALA A 18 46.98 -28.67 -1.21
C ALA A 18 47.17 -27.23 -0.77
N GLY A 19 46.31 -26.78 0.14
CA GLY A 19 46.46 -25.45 0.71
C GLY A 19 45.14 -24.75 0.92
N ALA A 20 45.19 -23.60 1.57
CA ALA A 20 43.98 -22.81 1.81
C ALA A 20 43.56 -22.03 0.58
N VAL A 21 42.25 -21.87 0.42
CA VAL A 21 41.68 -21.03 -0.63
C VAL A 21 40.78 -19.99 0.06
N THR A 22 41.15 -18.72 -0.10
CA THR A 22 40.52 -17.64 0.66
C THR A 22 40.07 -16.51 -0.24
N ASN A 23 38.89 -15.97 0.05
CA ASN A 23 38.37 -14.76 -0.62
C ASN A 23 38.25 -13.57 0.35
N THR A 24 38.39 -12.37 -0.20
CA THR A 24 38.05 -11.13 0.50
C THR A 24 37.21 -10.27 -0.42
N GLY A 25 36.16 -9.63 0.14
CA GLY A 25 35.34 -8.71 -0.63
C GLY A 25 34.39 -9.36 -1.61
N LEU A 26 33.89 -8.55 -2.54
CA LEU A 26 32.89 -9.03 -3.51
C LEU A 26 33.61 -9.58 -4.74
N SER A 27 33.53 -10.89 -4.93
CA SER A 27 34.18 -11.56 -6.05
C SER A 27 33.10 -12.27 -6.86
N HIS A 28 33.36 -12.41 -8.16
CA HIS A 28 32.41 -12.99 -9.10
C HIS A 28 33.10 -14.20 -9.74
N ILE A 29 32.60 -15.39 -9.43
CA ILE A 29 33.32 -16.62 -9.81
C ILE A 29 32.38 -17.53 -10.56
N THR A 30 32.83 -18.02 -11.72
CA THR A 30 32.11 -19.05 -12.48
C THR A 30 33.02 -20.25 -12.66
N GLY A 31 32.61 -21.37 -12.07
CA GLY A 31 33.42 -22.58 -12.02
C GLY A 31 33.44 -23.07 -10.58
N ASP A 32 33.81 -24.33 -10.38
CA ASP A 32 33.97 -24.83 -9.02
C ASP A 32 35.14 -24.12 -8.33
N VAL A 33 35.13 -24.14 -6.99
CA VAL A 33 36.19 -23.57 -6.15
C VAL A 33 36.54 -24.64 -5.14
N GLY A 34 37.82 -24.94 -4.99
CA GLY A 34 38.12 -25.98 -4.03
C GLY A 34 39.56 -26.24 -3.70
N THR A 35 39.74 -27.12 -2.74
CA THR A 35 41.05 -27.60 -2.33
C THR A 35 40.93 -29.05 -1.92
N ASN A 36 41.95 -29.84 -2.22
CA ASN A 36 41.88 -31.27 -1.94
C ASN A 36 42.29 -31.63 -0.50
N ASN A 37 42.62 -30.63 0.32
CA ASN A 37 42.99 -30.90 1.71
C ASN A 37 42.51 -29.90 2.77
N ALA A 38 41.61 -28.98 2.40
CA ALA A 38 41.08 -27.99 3.33
C ALA A 38 39.69 -27.58 2.87
N ALA A 39 39.20 -26.44 3.36
CA ALA A 39 37.91 -25.90 2.94
C ALA A 39 38.09 -24.43 2.62
N SER A 40 37.49 -23.97 1.52
CA SER A 40 37.64 -22.59 1.10
C SER A 40 36.86 -21.71 2.07
N THR A 41 37.36 -20.51 2.33
CA THR A 41 36.68 -19.61 3.26
C THR A 41 36.38 -18.23 2.70
N ASN A 42 35.25 -17.70 3.18
CA ASN A 42 34.81 -16.31 2.97
C ASN A 42 34.41 -15.98 1.54
N PHE A 43 34.11 -17.01 0.73
CA PHE A 43 33.46 -16.75 -0.56
C PHE A 43 31.99 -16.38 -0.39
N GLY A 44 31.46 -15.56 -1.31
CA GLY A 44 30.04 -15.25 -1.39
C GLY A 44 29.41 -16.21 -2.38
N ASN A 45 28.36 -15.78 -3.06
CA ASN A 45 27.70 -16.65 -4.05
C ASN A 45 28.63 -16.94 -5.21
N VAL A 46 28.84 -18.23 -5.47
CA VAL A 46 29.71 -18.72 -6.55
C VAL A 46 28.88 -19.48 -7.56
N ASP A 47 29.02 -19.17 -8.86
CA ASP A 47 28.35 -20.01 -9.86
C ASP A 47 29.20 -21.25 -10.10
N GLY A 48 29.09 -22.20 -9.18
CA GLY A 48 29.93 -23.39 -9.17
C GLY A 48 29.76 -24.04 -7.80
N VAL A 49 30.32 -25.24 -7.66
CA VAL A 49 30.20 -25.97 -6.39
C VAL A 49 31.43 -25.72 -5.56
N MET A 50 31.20 -25.48 -4.26
CA MET A 50 32.32 -25.41 -3.29
C MET A 50 32.75 -26.84 -2.95
N GLN A 51 33.91 -27.26 -3.47
CA GLN A 51 34.39 -28.64 -3.33
C GLN A 51 35.56 -28.69 -2.35
N ASP A 52 35.36 -29.35 -1.20
CA ASP A 52 36.38 -29.37 -0.13
C ASP A 52 36.72 -30.82 0.20
N SER A 53 37.95 -31.23 -0.12
CA SER A 53 38.50 -32.53 0.31
C SER A 53 37.56 -33.71 0.03
N ASN A 54 37.19 -33.90 -1.23
CA ASN A 54 36.21 -34.92 -1.61
C ASN A 54 36.61 -35.61 -2.90
N GLY A 55 35.72 -36.41 -3.48
CA GLY A 55 36.01 -37.13 -4.72
C GLY A 55 36.28 -36.20 -5.91
N ALA A 56 35.55 -35.09 -5.98
CA ALA A 56 35.81 -34.11 -7.05
C ALA A 56 37.21 -33.47 -6.99
N THR A 57 37.65 -33.12 -5.78
CA THR A 57 38.97 -32.49 -5.61
C THR A 57 40.11 -33.50 -5.78
N SER A 58 39.83 -34.75 -5.44
CA SER A 58 40.82 -35.82 -5.58
C SER A 58 41.06 -36.06 -7.08
N ALA A 59 39.97 -36.14 -7.85
CA ALA A 59 40.01 -36.25 -9.31
C ALA A 59 40.72 -35.06 -9.99
N ALA A 60 40.38 -33.85 -9.57
CA ALA A 60 41.02 -32.61 -10.07
C ALA A 60 42.53 -32.63 -9.78
N ALA A 61 42.90 -33.03 -8.57
CA ALA A 61 44.32 -33.10 -8.19
C ALA A 61 45.11 -34.02 -9.15
N ALA A 62 44.54 -35.19 -9.45
CA ALA A 62 45.22 -36.16 -10.32
C ALA A 62 45.32 -35.63 -11.74
N ASP A 63 44.23 -35.04 -12.25
CA ASP A 63 44.22 -34.53 -13.62
C ASP A 63 45.06 -33.27 -13.79
N LEU A 64 45.18 -32.47 -12.72
CA LEU A 64 46.03 -31.27 -12.78
C LEU A 64 47.50 -31.70 -12.92
N LEU A 65 47.87 -32.75 -12.19
CA LEU A 65 49.22 -33.35 -12.31
C LEU A 65 49.52 -33.80 -13.75
N ILE A 66 48.61 -34.57 -14.34
CA ILE A 66 48.73 -35.01 -15.74
C ILE A 66 48.87 -33.82 -16.70
N ALA A 67 48.01 -32.80 -16.55
CA ALA A 67 48.10 -31.53 -17.28
C ALA A 67 49.48 -30.86 -17.12
N TYR A 68 49.95 -30.72 -15.88
CA TYR A 68 51.25 -30.11 -15.59
C TYR A 68 52.36 -30.81 -16.38
N ASN A 69 52.37 -32.14 -16.33
CA ASN A 69 53.41 -32.94 -16.98
C ASN A 69 53.40 -32.78 -18.49
N LEU A 70 52.22 -32.68 -19.10
CA LEU A 70 52.11 -32.40 -20.52
C LEU A 70 52.61 -31.00 -20.85
N LEU A 71 52.27 -30.03 -19.99
CA LEU A 71 52.84 -28.68 -20.13
C LEU A 71 54.39 -28.69 -20.03
N ASN A 72 54.89 -29.44 -19.06
CA ASN A 72 56.32 -29.52 -18.81
C ASN A 72 57.05 -30.26 -19.95
N ALA A 73 56.34 -31.17 -20.61
CA ALA A 73 56.88 -31.91 -21.76
C ALA A 73 56.83 -31.12 -23.09
N ALA A 74 56.02 -30.07 -23.16
CA ALA A 74 55.87 -29.26 -24.38
C ALA A 74 57.22 -28.72 -24.89
N ILE A 75 57.52 -29.01 -26.16
CA ILE A 75 58.79 -28.60 -26.75
C ILE A 75 58.75 -27.12 -27.18
N PRO A 76 59.58 -26.26 -26.54
CA PRO A 76 59.54 -24.83 -26.83
C PRO A 76 59.76 -24.52 -28.32
N THR A 77 59.02 -23.54 -28.83
CA THR A 77 59.15 -23.06 -30.21
C THR A 77 59.96 -21.76 -30.29
N ALA A 78 60.19 -21.12 -29.14
CA ALA A 78 60.88 -19.82 -29.04
C ALA A 78 61.19 -19.44 -27.58
N THR A 79 62.19 -18.57 -27.38
CA THR A 79 62.53 -18.01 -26.07
C THR A 79 62.12 -16.54 -26.00
N LEU A 80 61.59 -16.12 -24.85
CA LEU A 80 61.21 -14.74 -24.65
C LEU A 80 62.00 -14.11 -23.51
N ALA A 81 62.24 -12.80 -23.60
CA ALA A 81 62.80 -12.03 -22.51
C ALA A 81 61.78 -12.05 -21.36
N PRO A 82 62.25 -11.88 -20.11
CA PRO A 82 61.31 -11.99 -18.99
C PRO A 82 60.29 -10.86 -18.88
N LEU A 83 60.58 -9.69 -19.48
CA LEU A 83 59.61 -8.59 -19.49
C LEU A 83 58.62 -8.81 -20.63
N LEU A 84 57.41 -9.26 -20.28
CA LEU A 84 56.37 -9.61 -21.26
C LEU A 84 55.29 -8.56 -21.30
N GLY A 85 54.87 -8.22 -22.52
CA GLY A 85 53.80 -7.26 -22.70
C GLY A 85 54.30 -5.98 -23.34
N ASN A 86 53.96 -4.86 -22.71
CA ASN A 86 54.30 -3.53 -23.23
C ASN A 86 54.06 -3.37 -24.74
N GLY A 87 52.88 -3.83 -25.18
CA GLY A 87 52.44 -3.67 -26.56
C GLY A 87 52.80 -4.81 -27.49
N THR A 88 53.44 -5.85 -26.96
CA THR A 88 53.88 -7.01 -27.74
C THR A 88 52.70 -7.85 -28.24
N THR A 89 52.86 -8.45 -29.42
CA THR A 89 51.86 -9.42 -29.94
C THR A 89 52.54 -10.76 -30.19
N LEU A 90 51.92 -11.85 -29.71
CA LEU A 90 52.45 -13.20 -29.97
C LEU A 90 51.45 -14.08 -30.71
N THR A 91 51.96 -14.86 -31.67
CA THR A 91 51.15 -15.88 -32.32
C THR A 91 51.34 -17.23 -31.60
N ALA A 92 50.72 -18.30 -32.12
CA ALA A 92 50.75 -19.59 -31.44
C ALA A 92 52.18 -20.01 -31.13
N GLY A 93 52.39 -20.63 -29.98
CA GLY A 93 53.71 -21.21 -29.72
C GLY A 93 53.87 -21.73 -28.31
N ASN A 94 55.00 -22.42 -28.09
CA ASN A 94 55.44 -22.81 -26.75
C ASN A 94 56.65 -21.96 -26.40
N TYR A 95 56.42 -21.01 -25.50
CA TYR A 95 57.38 -19.95 -25.18
C TYR A 95 58.12 -20.26 -23.88
N PHE A 96 59.45 -20.34 -23.97
CA PHE A 96 60.30 -20.66 -22.82
C PHE A 96 60.92 -19.37 -22.26
N ILE A 97 60.69 -19.14 -20.97
CA ILE A 97 61.34 -18.05 -20.25
C ILE A 97 62.11 -18.66 -19.09
N GLY A 98 63.44 -18.70 -19.19
CA GLY A 98 64.27 -19.48 -18.25
C GLY A 98 64.63 -18.75 -16.96
N GLN A 99 63.64 -18.04 -16.40
CA GLN A 99 63.79 -17.23 -15.19
C GLN A 99 62.40 -16.74 -14.82
N GLY A 100 62.26 -16.01 -13.72
CA GLY A 100 60.98 -15.38 -13.37
C GLY A 100 60.59 -14.33 -14.40
N ALA A 101 59.29 -14.22 -14.64
CA ALA A 101 58.76 -13.33 -15.66
C ALA A 101 57.87 -12.21 -15.05
N SER A 102 57.74 -11.11 -15.76
CA SER A 102 56.84 -10.06 -15.30
C SER A 102 56.05 -9.49 -16.46
N LEU A 103 54.75 -9.45 -16.26
CA LEU A 103 53.83 -8.90 -17.25
C LEU A 103 53.62 -7.42 -16.98
N SER A 104 53.51 -6.65 -18.05
CA SER A 104 53.37 -5.23 -17.92
C SER A 104 52.64 -4.74 -19.16
N GLY A 105 51.84 -3.70 -19.03
CA GLY A 105 51.21 -3.06 -20.19
C GLY A 105 50.29 -4.06 -20.85
N THR A 106 50.24 -4.05 -22.18
CA THR A 106 49.36 -4.93 -22.93
CA THR A 106 49.37 -4.99 -22.89
C THR A 106 50.14 -6.10 -23.57
N LEU A 107 49.58 -7.31 -23.51
CA LEU A 107 50.11 -8.45 -24.25
C LEU A 107 48.97 -8.97 -25.10
N THR A 108 49.18 -9.09 -26.42
CA THR A 108 48.12 -9.59 -27.32
C THR A 108 48.48 -10.99 -27.83
N LEU A 109 47.51 -11.91 -27.71
CA LEU A 109 47.68 -13.25 -28.26
C LEU A 109 46.79 -13.37 -29.50
N ASP A 110 47.45 -13.56 -30.63
CA ASP A 110 46.83 -13.45 -31.95
C ASP A 110 46.72 -14.85 -32.54
N GLY A 111 45.49 -15.28 -32.78
CA GLY A 111 45.21 -16.65 -33.17
C GLY A 111 45.49 -16.96 -34.63
N GLY A 112 45.91 -15.94 -35.39
CA GLY A 112 46.22 -16.12 -36.82
C GLY A 112 45.05 -16.61 -37.66
N GLY A 113 43.83 -16.40 -37.16
CA GLY A 113 42.62 -16.85 -37.84
C GLY A 113 42.31 -18.31 -37.62
N ASN A 114 42.97 -18.91 -36.62
CA ASN A 114 42.83 -20.34 -36.34
C ASN A 114 42.50 -20.52 -34.88
N SER A 115 41.25 -20.86 -34.59
CA SER A 115 40.80 -20.96 -33.19
C SER A 115 41.47 -22.11 -32.44
N ASN A 116 42.12 -23.01 -33.18
CA ASN A 116 42.91 -24.09 -32.56
C ASN A 116 44.32 -23.70 -32.10
N SER A 117 44.72 -22.43 -32.30
CA SER A 117 46.03 -21.94 -31.88
C SER A 117 46.20 -22.09 -30.37
N VAL A 118 47.31 -22.70 -29.99
CA VAL A 118 47.64 -22.97 -28.59
C VAL A 118 48.83 -22.09 -28.18
N PHE A 119 48.73 -21.47 -27.00
CA PHE A 119 49.76 -20.59 -26.46
C PHE A 119 50.18 -21.18 -25.11
N ILE A 120 51.40 -21.70 -25.01
CA ILE A 120 51.89 -22.25 -23.73
C ILE A 120 53.12 -21.43 -23.29
N PHE A 121 53.09 -20.96 -22.06
CA PHE A 121 54.20 -20.20 -21.49
C PHE A 121 54.85 -21.02 -20.40
N LYS A 122 56.13 -21.33 -20.61
CA LYS A 122 56.92 -22.07 -19.63
C LYS A 122 57.74 -21.08 -18.83
N ILE A 123 57.27 -20.77 -17.61
CA ILE A 123 57.93 -19.77 -16.78
C ILE A 123 58.76 -20.44 -15.68
N GLN A 124 60.09 -20.41 -15.82
CA GLN A 124 60.97 -21.13 -14.90
C GLN A 124 61.36 -20.23 -13.73
N GLY A 125 60.36 -19.88 -12.94
CA GLY A 125 60.49 -18.89 -11.90
C GLY A 125 59.12 -18.36 -11.61
N ALA A 126 59.03 -17.27 -10.84
CA ALA A 126 57.75 -16.68 -10.49
C ALA A 126 57.16 -15.87 -11.66
N LEU A 127 55.87 -15.59 -11.59
CA LEU A 127 55.22 -14.73 -12.57
C LEU A 127 54.46 -13.63 -11.83
N SER A 128 54.78 -12.38 -12.13
CA SER A 128 54.15 -11.21 -11.50
C SER A 128 53.61 -10.33 -12.59
N SER A 129 52.59 -9.54 -12.30
CA SER A 129 52.18 -8.49 -13.23
C SER A 129 52.22 -7.15 -12.51
N ALA A 130 52.35 -6.08 -13.29
CA ALA A 130 52.19 -4.71 -12.83
C ALA A 130 50.72 -4.35 -12.80
N ALA A 131 50.33 -3.37 -11.98
CA ALA A 131 48.92 -2.95 -11.92
C ALA A 131 48.47 -2.59 -13.34
N ASN A 132 47.24 -2.99 -13.67
CA ASN A 132 46.54 -2.60 -14.91
C ASN A 132 47.07 -3.29 -16.16
N THR A 133 47.90 -4.32 -15.98
CA THR A 133 48.33 -5.18 -17.07
C THR A 133 47.11 -5.77 -17.77
N GLN A 134 47.16 -5.89 -19.09
CA GLN A 134 46.05 -6.55 -19.82
C GLN A 134 46.54 -7.56 -20.85
N VAL A 135 46.08 -8.79 -20.69
CA VAL A 135 46.30 -9.83 -21.70
C VAL A 135 45.05 -9.87 -22.58
N LEU A 136 45.26 -9.68 -23.89
CA LEU A 136 44.16 -9.55 -24.84
C LEU A 136 44.21 -10.69 -25.85
N LEU A 137 43.03 -11.13 -26.30
CA LEU A 137 42.94 -12.16 -27.33
C LEU A 137 42.40 -11.57 -28.63
N THR A 138 42.98 -11.99 -29.75
CA THR A 138 42.47 -11.52 -31.05
C THR A 138 42.51 -12.60 -32.11
N ASN A 139 41.71 -12.39 -33.15
CA ASN A 139 41.91 -13.08 -34.41
C ASN A 139 41.82 -14.59 -34.19
N GLY A 140 40.82 -14.99 -33.43
CA GLY A 140 40.55 -16.40 -33.23
C GLY A 140 41.08 -17.02 -31.96
N ALA A 141 42.07 -16.41 -31.29
CA ALA A 141 42.65 -16.96 -30.04
C ALA A 141 41.58 -17.13 -28.96
N LEU A 142 41.57 -18.30 -28.30
CA LEU A 142 40.61 -18.64 -27.26
C LEU A 142 41.34 -18.81 -25.93
N ALA A 143 40.75 -18.28 -24.86
CA ALA A 143 41.35 -18.40 -23.52
C ALA A 143 41.60 -19.85 -23.10
N CYS A 144 40.70 -20.76 -23.50
CA CYS A 144 40.83 -22.17 -23.11
C CYS A 144 42.10 -22.84 -23.68
N ASN A 145 42.69 -22.24 -24.71
CA ASN A 145 43.94 -22.69 -25.36
C ASN A 145 45.20 -21.94 -24.90
N VAL A 146 45.07 -21.12 -23.85
CA VAL A 146 46.23 -20.44 -23.23
C VAL A 146 46.60 -21.10 -21.89
N PHE A 147 47.89 -21.38 -21.72
CA PHE A 147 48.39 -22.04 -20.50
C PHE A 147 49.63 -21.32 -20.02
N TRP A 148 49.75 -21.21 -18.70
CA TRP A 148 50.97 -20.68 -18.06
C TRP A 148 51.46 -21.74 -17.06
N LYS A 149 52.62 -22.34 -17.36
CA LYS A 149 53.21 -23.31 -16.43
C LYS A 149 54.27 -22.59 -15.61
N VAL A 150 53.92 -22.24 -14.38
CA VAL A 150 54.74 -21.32 -13.56
C VAL A 150 55.45 -22.03 -12.41
N GLU A 151 56.78 -22.02 -12.43
CA GLU A 151 57.59 -22.65 -11.37
C GLU A 151 57.91 -21.64 -10.27
N GLY A 152 56.86 -21.10 -9.67
CA GLY A 152 57.04 -20.11 -8.61
C GLY A 152 55.77 -19.33 -8.34
N LEU A 153 55.84 -18.41 -7.39
CA LEU A 153 54.65 -17.61 -6.99
C LEU A 153 53.98 -16.88 -8.18
N VAL A 154 52.66 -17.03 -8.31
CA VAL A 154 51.89 -16.24 -9.27
C VAL A 154 51.27 -15.09 -8.48
N ASP A 155 51.64 -13.86 -8.83
CA ASP A 155 51.05 -12.69 -8.15
C ASP A 155 50.60 -11.66 -9.18
N LEU A 156 49.29 -11.53 -9.34
CA LEU A 156 48.76 -10.58 -10.30
C LEU A 156 48.28 -9.33 -9.61
N ALA A 157 48.83 -8.18 -10.05
CA ALA A 157 48.60 -6.88 -9.44
C ALA A 157 47.20 -6.38 -9.69
N THR A 158 46.81 -5.35 -8.94
CA THR A 158 45.47 -4.79 -9.02
C THR A 158 45.01 -4.54 -10.47
N ASN A 159 43.76 -4.92 -10.72
CA ASN A 159 43.12 -4.71 -12.04
C ASN A 159 43.82 -5.40 -13.23
N THR A 160 44.58 -6.47 -12.98
CA THR A 160 45.18 -7.24 -14.09
C THR A 160 44.10 -8.00 -14.85
N VAL A 161 44.06 -7.80 -16.17
CA VAL A 161 43.19 -8.62 -17.04
C VAL A 161 44.04 -9.79 -17.55
N MET A 162 43.64 -11.00 -17.17
CA MET A 162 44.43 -12.20 -17.45
C MET A 162 43.63 -13.23 -18.24
N LYS A 163 44.32 -14.00 -19.09
CA LYS A 163 43.71 -15.04 -19.91
C LYS A 163 44.45 -16.34 -19.72
N GLY A 164 43.68 -17.41 -19.63
CA GLY A 164 44.23 -18.74 -19.68
C GLY A 164 44.27 -19.52 -18.39
N ASN A 165 44.72 -20.76 -18.52
CA ASN A 165 44.92 -21.63 -17.37
C ASN A 165 46.25 -21.33 -16.69
N VAL A 166 46.20 -20.77 -15.47
CA VAL A 166 47.43 -20.39 -14.76
C VAL A 166 47.73 -21.56 -13.83
N VAL A 167 48.79 -22.32 -14.15
CA VAL A 167 49.15 -23.51 -13.39
C VAL A 167 50.42 -23.22 -12.60
N ALA A 168 50.28 -23.03 -11.29
CA ALA A 168 51.45 -22.78 -10.45
C ALA A 168 51.91 -24.10 -9.87
N ASN A 169 53.17 -24.47 -10.15
CA ASN A 169 53.70 -25.71 -9.65
C ASN A 169 54.43 -25.50 -8.34
N ASN A 170 53.93 -26.14 -7.28
CA ASN A 170 54.50 -26.04 -5.95
C ASN A 170 54.72 -24.59 -5.53
N ALA A 171 53.69 -23.77 -5.80
CA ALA A 171 53.68 -22.36 -5.41
C ALA A 171 52.27 -21.84 -5.20
N ALA A 172 52.16 -20.69 -4.51
CA ALA A 172 50.87 -20.05 -4.26
C ALA A 172 50.44 -19.17 -5.45
N ILE A 173 49.15 -18.80 -5.43
CA ILE A 173 48.61 -17.85 -6.39
C ILE A 173 47.91 -16.74 -5.61
N VAL A 174 48.20 -15.50 -5.96
CA VAL A 174 47.64 -14.35 -5.27
C VAL A 174 47.06 -13.44 -6.37
N LEU A 175 45.74 -13.19 -6.29
CA LEU A 175 45.06 -12.35 -7.26
C LEU A 175 44.54 -11.14 -6.51
N GLN A 176 45.12 -9.99 -6.82
CA GLN A 176 44.84 -8.77 -6.07
C GLN A 176 43.54 -8.10 -6.54
N SER A 177 43.15 -7.02 -5.86
CA SER A 177 41.90 -6.31 -6.09
C SER A 177 41.64 -6.08 -7.58
N GLY A 178 40.49 -6.55 -8.07
CA GLY A 178 40.02 -6.20 -9.41
C GLY A 178 40.60 -7.02 -10.55
N VAL A 179 41.43 -8.01 -10.22
CA VAL A 179 41.91 -8.96 -11.24
C VAL A 179 40.71 -9.58 -11.96
N SER A 180 40.82 -9.69 -13.28
CA SER A 180 39.77 -10.27 -14.09
C SER A 180 40.40 -11.37 -14.93
N LEU A 181 40.05 -12.61 -14.62
CA LEU A 181 40.65 -13.78 -15.27
C LEU A 181 39.61 -14.59 -16.04
N GLU A 182 39.76 -14.64 -17.36
CA GLU A 182 39.00 -15.59 -18.18
C GLU A 182 39.98 -16.75 -18.29
N GLY A 183 39.76 -17.79 -17.50
CA GLY A 183 40.80 -18.79 -17.29
C GLY A 183 40.59 -19.47 -15.94
N ARG A 184 41.67 -20.02 -15.42
CA ARG A 184 41.63 -20.76 -14.16
C ARG A 184 42.89 -20.46 -13.37
N ALA A 185 42.78 -20.46 -12.04
CA ALA A 185 43.96 -20.46 -11.17
C ALA A 185 44.04 -21.84 -10.52
N LEU A 186 45.08 -22.58 -10.90
CA LEU A 186 45.27 -23.97 -10.49
C LEU A 186 46.68 -24.12 -9.90
N SER A 187 46.76 -24.65 -8.68
CA SER A 187 48.07 -24.97 -8.06
C SER A 187 48.22 -26.47 -7.76
N THR A 188 49.40 -27.02 -8.06
CA THR A 188 49.72 -28.43 -7.76
C THR A 188 50.04 -28.66 -6.28
N THR A 189 50.29 -27.56 -5.55
CA THR A 189 50.16 -27.44 -4.08
C THR A 189 50.65 -26.02 -3.76
N GLY A 190 49.90 -25.35 -2.89
CA GLY A 190 50.09 -23.94 -2.54
C GLY A 190 48.77 -23.25 -2.32
N ALA A 191 48.75 -22.20 -1.48
CA ALA A 191 47.50 -21.47 -1.19
C ALA A 191 47.00 -20.65 -2.38
N ILE A 192 45.70 -20.37 -2.42
CA ILE A 192 45.14 -19.44 -3.39
C ILE A 192 44.46 -18.31 -2.61
N THR A 193 44.84 -17.06 -2.89
CA THR A 193 44.29 -15.93 -2.17
C THR A 193 43.74 -14.96 -3.21
N VAL A 194 42.43 -14.68 -3.15
CA VAL A 194 41.84 -13.74 -4.09
C VAL A 194 41.12 -12.61 -3.34
N THR A 195 41.13 -11.41 -3.89
CA THR A 195 40.46 -10.29 -3.21
C THR A 195 39.73 -9.47 -4.27
N GLY A 196 38.40 -9.49 -4.23
CA GLY A 196 37.59 -8.68 -5.14
C GLY A 196 37.86 -9.00 -6.60
N VAL A 197 37.85 -10.28 -6.95
CA VAL A 197 38.22 -10.68 -8.30
C VAL A 197 37.02 -11.11 -9.14
N THR A 198 37.25 -11.23 -10.45
CA THR A 198 36.31 -11.94 -11.34
C THR A 198 37.10 -13.04 -12.01
N VAL A 199 36.64 -14.28 -11.88
CA VAL A 199 37.33 -15.42 -12.51
C VAL A 199 36.22 -16.29 -13.12
N ARG A 200 36.26 -16.49 -14.43
CA ARG A 200 35.26 -17.32 -15.11
CA ARG A 200 35.26 -17.31 -15.13
C ARG A 200 36.02 -18.34 -15.96
N LYS A 201 35.75 -19.62 -15.71
CA LYS A 201 36.43 -20.65 -16.50
C LYS A 201 36.09 -20.48 -17.99
N PRO A 202 37.07 -20.75 -18.87
CA PRO A 202 36.84 -20.56 -20.28
C PRO A 202 35.89 -21.64 -20.81
N ILE A 203 35.06 -21.27 -21.78
CA ILE A 203 34.19 -22.23 -22.43
C ILE A 203 34.90 -22.66 -23.71
N LEU A 204 34.31 -23.59 -24.44
CA LEU A 204 34.98 -24.19 -25.62
C LEU A 204 36.14 -25.12 -25.21
N CYS A 205 37.02 -25.43 -26.16
CA CYS A 205 38.02 -26.46 -25.98
C CYS A 205 37.44 -27.77 -25.45
N GLY A 206 36.29 -28.15 -25.99
CA GLY A 206 35.67 -29.44 -25.70
C GLY A 206 34.78 -29.45 -24.47
N SER A 207 34.60 -28.29 -23.82
CA SER A 207 33.73 -28.25 -22.65
C SER A 207 32.29 -28.51 -23.11
N ALA A 208 31.58 -29.35 -22.35
CA ALA A 208 30.16 -29.66 -22.64
C ALA A 208 29.26 -28.43 -22.69
N VAL A 209 28.38 -28.36 -23.68
CA VAL A 209 27.43 -27.24 -23.82
C VAL A 209 26.37 -27.38 -22.75
N LEU A 210 26.19 -26.34 -21.94
CA LEU A 210 25.18 -26.38 -20.87
C LEU A 210 23.78 -26.18 -21.45
N THR A 211 22.86 -27.04 -21.02
CA THR A 211 21.46 -27.00 -21.45
C THR A 211 20.54 -26.55 -20.34
N GLY A 212 20.97 -26.76 -19.09
CA GLY A 212 20.05 -26.62 -17.97
C GLY A 212 19.08 -27.83 -17.96
N PRO A 213 18.15 -27.83 -17.01
CA PRO A 213 17.17 -28.93 -16.91
C PRO A 213 16.09 -28.83 -17.99
N VAL A 214 15.28 -29.89 -18.12
CA VAL A 214 14.07 -29.82 -18.96
C VAL A 214 13.07 -28.88 -18.32
N ALA A 215 12.60 -27.91 -19.10
CA ALA A 215 11.62 -26.89 -18.68
C ALA A 215 10.31 -27.56 -18.23
N PRO A 216 9.59 -26.96 -17.25
CA PRO A 216 8.30 -27.52 -16.90
C PRO A 216 7.29 -27.31 -18.02
N ASN A 217 6.35 -28.24 -18.14
CA ASN A 217 5.21 -28.00 -18.97
C ASN A 217 4.27 -27.12 -18.15
N LEU A 218 4.05 -25.89 -18.62
CA LEU A 218 3.08 -25.00 -17.94
C LEU A 218 1.60 -25.31 -18.27
N GLY A 219 1.32 -26.21 -19.23
CA GLY A 219 -0.06 -26.37 -19.69
C GLY A 219 -0.76 -25.03 -19.99
N THR A 220 -1.99 -24.88 -19.51
CA THR A 220 -2.81 -23.72 -19.90
C THR A 220 -2.35 -22.44 -19.17
N VAL A 221 -1.59 -22.59 -18.09
CA VAL A 221 -1.13 -21.42 -17.35
C VAL A 221 -0.08 -20.60 -18.17
N VAL A 222 0.42 -21.17 -19.28
CA VAL A 222 1.24 -20.41 -20.26
C VAL A 222 0.48 -19.19 -20.83
N CYS A 223 -0.86 -19.25 -20.82
CA CYS A 223 -1.69 -18.16 -21.30
C CYS A 223 -1.99 -17.10 -20.27
N TYR A 224 -1.55 -17.31 -19.02
CA TYR A 224 -1.76 -16.30 -17.98
C TYR A 224 -0.47 -15.55 -17.69
N THR A 225 -0.61 -14.31 -17.24
CA THR A 225 0.50 -13.52 -16.87
C THR A 225 0.50 -13.23 -15.38
N ILE A 226 -0.68 -13.02 -14.78
CA ILE A 226 -0.80 -12.80 -13.33
CA ILE A 226 -0.78 -12.81 -13.33
C ILE A 226 -1.93 -13.72 -12.88
N PHE A 227 -1.62 -14.65 -12.00
CA PHE A 227 -2.60 -15.67 -11.64
C PHE A 227 -2.40 -16.19 -10.23
N SER A 228 -3.51 -16.29 -9.48
CA SER A 228 -3.49 -17.00 -8.18
C SER A 228 -4.40 -18.22 -8.23
N GLY A 229 -3.90 -19.35 -7.74
CA GLY A 229 -4.79 -20.49 -7.48
C GLY A 229 -5.79 -20.25 -6.37
N ASN A 230 -5.50 -19.31 -5.47
CA ASN A 230 -6.37 -19.08 -4.29
C ASN A 230 -6.04 -17.75 -3.63
N GLY A 231 -6.95 -16.79 -3.73
CA GLY A 231 -6.78 -15.49 -3.08
C GLY A 231 -7.14 -14.36 -4.02
N ALA A 232 -7.53 -13.22 -3.44
CA ALA A 232 -7.97 -12.07 -4.26
C ALA A 232 -6.84 -11.59 -5.15
N LEU A 233 -7.19 -11.17 -6.37
CA LEU A 233 -6.18 -10.53 -7.24
C LEU A 233 -6.64 -9.10 -7.43
N THR A 234 -5.83 -8.12 -6.99
CA THR A 234 -6.28 -6.72 -7.00
C THR A 234 -5.22 -5.87 -7.65
N ASN A 235 -5.60 -5.16 -8.71
CA ASN A 235 -4.71 -4.15 -9.27
C ASN A 235 -5.14 -2.75 -8.86
N ALA A 236 -4.16 -1.88 -8.66
CA ALA A 236 -4.41 -0.43 -8.52
C ALA A 236 -3.51 0.33 -9.47
N GLY A 237 -3.92 1.57 -9.77
CA GLY A 237 -3.13 2.41 -10.70
C GLY A 237 -3.32 1.95 -12.14
N ILE A 238 -2.47 2.49 -12.99
CA ILE A 238 -2.48 2.25 -14.44
C ILE A 238 -1.53 1.09 -14.78
N THR A 239 -2.13 -0.02 -15.18
CA THR A 239 -1.38 -1.26 -15.39
C THR A 239 -1.74 -1.77 -16.76
N TYR A 240 -0.73 -2.29 -17.47
CA TYR A 240 -0.98 -2.94 -18.78
C TYR A 240 -0.48 -4.40 -18.73
N VAL A 241 -1.24 -5.31 -19.31
CA VAL A 241 -0.88 -6.73 -19.29
C VAL A 241 -1.05 -7.31 -20.69
N THR A 242 -0.10 -8.15 -21.14
CA THR A 242 -0.36 -9.01 -22.29
C THR A 242 -0.45 -10.42 -21.72
N GLY A 243 -1.60 -11.03 -21.94
CA GLY A 243 -1.95 -12.37 -21.44
C GLY A 243 -3.13 -12.25 -20.48
N ASP A 244 -3.51 -13.39 -19.88
CA ASP A 244 -4.73 -13.40 -19.04
C ASP A 244 -4.41 -13.12 -17.59
N VAL A 245 -5.42 -12.66 -16.83
CA VAL A 245 -5.22 -12.45 -15.40
C VAL A 245 -6.41 -13.08 -14.69
N GLY A 246 -6.21 -13.60 -13.48
CA GLY A 246 -7.37 -14.04 -12.71
C GLY A 246 -7.00 -14.80 -11.45
N THR A 247 -8.01 -15.09 -10.64
CA THR A 247 -7.84 -16.01 -9.52
C THR A 247 -8.86 -17.16 -9.58
N ASN A 248 -8.43 -18.34 -9.13
CA ASN A 248 -9.37 -19.45 -8.98
C ASN A 248 -10.19 -19.45 -7.69
N VAL A 249 -9.85 -18.61 -6.72
CA VAL A 249 -10.68 -18.46 -5.51
C VAL A 249 -10.68 -17.00 -5.09
N GLY A 250 -11.85 -16.37 -5.12
CA GLY A 250 -11.96 -14.95 -4.79
C GLY A 250 -12.32 -14.13 -6.04
N LEU A 251 -12.00 -12.86 -6.02
CA LEU A 251 -12.34 -11.93 -7.11
C LEU A 251 -11.11 -11.27 -7.70
N THR A 252 -11.17 -10.99 -9.00
CA THR A 252 -10.13 -10.18 -9.65
C THR A 252 -10.72 -8.79 -9.89
N THR A 253 -10.09 -7.74 -9.36
CA THR A 253 -10.59 -6.35 -9.60
C THR A 253 -9.42 -5.45 -9.94
N GLY A 254 -9.71 -4.26 -10.45
CA GLY A 254 -8.71 -3.25 -10.66
C GLY A 254 -8.00 -3.27 -12.02
N PHE A 255 -8.13 -4.37 -12.77
CA PHE A 255 -7.57 -4.42 -14.13
C PHE A 255 -8.58 -3.83 -15.12
N GLN A 256 -8.11 -2.94 -15.98
CA GLN A 256 -8.99 -2.28 -16.96
C GLN A 256 -8.88 -3.04 -18.24
N ALA A 257 -10.04 -3.49 -18.74
CA ALA A 257 -10.08 -4.42 -19.88
C ALA A 257 -9.30 -3.87 -21.06
N ASP A 258 -9.42 -2.59 -21.33
CA ASP A 258 -8.75 -2.08 -22.54
C ASP A 258 -7.22 -2.01 -22.40
N ASN A 259 -6.72 -2.25 -21.18
CA ASN A 259 -5.29 -2.25 -20.95
C ASN A 259 -4.76 -3.67 -20.90
N VAL A 260 -5.61 -4.66 -21.18
CA VAL A 260 -5.18 -6.08 -21.07
C VAL A 260 -5.37 -6.71 -22.44
N ASN A 261 -4.25 -7.06 -23.08
CA ASN A 261 -4.27 -7.77 -24.36
C ASN A 261 -4.41 -9.25 -23.98
N GLY A 262 -5.64 -9.65 -23.73
CA GLY A 262 -5.89 -10.92 -23.04
C GLY A 262 -7.23 -10.82 -22.33
N THR A 263 -7.56 -11.85 -21.55
CA THR A 263 -8.87 -11.87 -20.86
C THR A 263 -8.70 -11.71 -19.37
N ILE A 264 -9.50 -10.79 -18.80
CA ILE A 264 -9.57 -10.70 -17.32
C ILE A 264 -10.66 -11.65 -16.87
N HIS A 265 -10.32 -12.60 -16.00
CA HIS A 265 -11.30 -13.51 -15.44
C HIS A 265 -11.72 -12.89 -14.12
N SER A 266 -12.84 -12.16 -14.12
CA SER A 266 -13.25 -11.37 -12.91
C SER A 266 -13.59 -12.26 -11.72
N ASN A 267 -14.02 -13.47 -12.01
CA ASN A 267 -14.17 -14.45 -10.95
C ASN A 267 -13.77 -15.82 -11.49
N PRO A 268 -13.74 -16.83 -10.62
CA PRO A 268 -13.23 -18.13 -11.06
C PRO A 268 -14.13 -18.73 -12.14
N ASP A 269 -13.53 -19.46 -13.08
CA ASP A 269 -14.30 -20.06 -14.15
C ASP A 269 -13.60 -21.32 -14.59
N THR A 270 -14.04 -21.95 -15.68
CA THR A 270 -13.37 -23.19 -16.10
C THR A 270 -11.87 -22.99 -16.45
N SER A 271 -11.55 -21.83 -17.03
CA SER A 271 -10.17 -21.50 -17.36
C SER A 271 -9.28 -21.34 -16.12
N THR A 272 -9.76 -20.62 -15.10
CA THR A 272 -8.98 -20.47 -13.87
C THR A 272 -8.84 -21.84 -13.16
N ALA A 273 -9.86 -22.70 -13.24
CA ALA A 273 -9.79 -24.02 -12.61
C ALA A 273 -8.68 -24.86 -13.26
N GLN A 274 -8.61 -24.83 -14.59
CA GLN A 274 -7.61 -25.60 -15.33
C GLN A 274 -6.21 -25.02 -15.12
N ALA A 275 -6.14 -23.69 -15.10
CA ALA A 275 -4.87 -23.02 -14.81
C ALA A 275 -4.36 -23.41 -13.41
N ALA A 276 -5.25 -23.47 -12.42
CA ALA A 276 -4.81 -23.82 -11.05
C ALA A 276 -4.21 -25.23 -11.00
N LEU A 277 -4.82 -26.18 -11.69
CA LEU A 277 -4.30 -27.57 -11.74
C LEU A 277 -2.91 -27.58 -12.39
N ASP A 278 -2.79 -26.84 -13.47
CA ASP A 278 -1.55 -26.82 -14.23
C ASP A 278 -0.45 -26.10 -13.47
N LEU A 279 -0.82 -25.06 -12.73
CA LEU A 279 0.14 -24.36 -11.87
C LEU A 279 0.70 -25.31 -10.78
N ASN A 280 -0.19 -26.06 -10.11
CA ASN A 280 0.30 -27.01 -9.11
C ASN A 280 1.22 -28.05 -9.73
N ASN A 281 0.87 -28.54 -10.92
CA ASN A 281 1.73 -29.55 -11.57
C ASN A 281 3.13 -28.97 -11.86
N ALA A 282 3.18 -27.75 -12.37
CA ALA A 282 4.46 -27.08 -12.68
C ALA A 282 5.28 -26.85 -11.41
N TYR A 283 4.64 -26.39 -10.34
CA TYR A 283 5.37 -26.15 -9.09
C TYR A 283 6.02 -27.45 -8.58
N THR A 284 5.23 -28.51 -8.49
CA THR A 284 5.74 -29.82 -8.07
C THR A 284 6.89 -30.30 -8.97
N TYR A 285 6.76 -30.11 -10.28
CA TYR A 285 7.85 -30.49 -11.19
C TYR A 285 9.13 -29.73 -10.86
N LEU A 286 9.03 -28.41 -10.68
CA LEU A 286 10.20 -27.56 -10.41
C LEU A 286 10.82 -27.90 -9.05
N ASN A 287 9.95 -28.06 -8.05
CA ASN A 287 10.39 -28.42 -6.70
C ASN A 287 11.23 -29.69 -6.64
N THR A 288 10.93 -30.66 -7.51
CA THR A 288 11.60 -31.96 -7.49
C THR A 288 12.81 -32.11 -8.47
N LEU A 289 13.08 -31.10 -9.30
CA LEU A 289 14.33 -31.09 -10.07
C LEU A 289 15.52 -31.13 -9.14
N PRO A 290 16.49 -32.00 -9.42
CA PRO A 290 17.76 -32.07 -8.63
C PRO A 290 18.55 -30.77 -8.69
N THR A 291 19.11 -30.36 -7.55
CA THR A 291 19.92 -29.13 -7.49
C THR A 291 21.28 -29.40 -8.12
N ASP A 292 21.71 -28.54 -9.04
CA ASP A 292 23.08 -28.61 -9.58
C ASP A 292 24.04 -27.82 -8.69
N ILE A 293 23.63 -26.61 -8.32
CA ILE A 293 24.53 -25.67 -7.63
C ILE A 293 23.72 -24.96 -6.57
N GLU A 294 24.22 -24.98 -5.33
CA GLU A 294 23.56 -24.19 -4.28
C GLU A 294 24.26 -22.85 -4.13
N LEU A 295 23.47 -21.79 -4.17
CA LEU A 295 23.98 -20.43 -3.97
C LEU A 295 23.86 -20.20 -2.48
N LEU A 296 25.02 -20.14 -1.82
CA LEU A 296 25.04 -20.29 -0.36
C LEU A 296 24.62 -19.09 0.47
N TYR A 297 24.41 -17.94 -0.19
CA TYR A 297 24.12 -16.67 0.52
C TYR A 297 22.91 -15.95 -0.05
N PRO A 298 21.68 -16.45 0.27
CA PRO A 298 20.50 -15.91 -0.38
C PRO A 298 20.22 -14.46 0.01
N ALA A 299 20.67 -14.05 1.19
CA ALA A 299 20.49 -12.63 1.59
C ALA A 299 21.29 -11.68 0.70
N ALA A 300 22.30 -12.21 0.01
CA ALA A 300 23.24 -11.41 -0.79
C ALA A 300 23.07 -11.60 -2.31
N PHE A 301 21.95 -12.20 -2.72
CA PHE A 301 21.67 -12.50 -4.14
C PHE A 301 21.62 -11.19 -4.95
N GLY A 302 22.04 -11.25 -6.20
CA GLY A 302 22.16 -10.03 -7.02
C GLY A 302 23.59 -9.54 -6.98
N GLN A 303 23.75 -8.23 -6.85
CA GLN A 303 25.07 -7.61 -6.79
C GLN A 303 25.93 -8.04 -7.97
N ASN A 304 25.30 -8.10 -9.15
CA ASN A 304 25.97 -8.41 -10.40
C ASN A 304 26.44 -9.87 -10.50
N LEU A 305 25.77 -10.77 -9.79
CA LEU A 305 25.98 -12.20 -9.92
C LEU A 305 25.60 -12.58 -11.34
N VAL A 306 26.38 -13.48 -11.92
CA VAL A 306 26.05 -14.06 -13.24
C VAL A 306 25.86 -15.56 -13.03
N LEU A 307 24.77 -16.08 -13.60
CA LEU A 307 24.45 -17.51 -13.56
C LEU A 307 24.46 -18.10 -14.98
N THR A 308 24.55 -19.43 -15.05
CA THR A 308 24.62 -20.20 -16.29
C THR A 308 23.53 -21.29 -16.25
N PRO A 309 23.30 -22.00 -17.38
CA PRO A 309 22.14 -22.88 -17.42
C PRO A 309 22.28 -24.09 -16.45
N HIS A 310 21.45 -24.08 -15.40
CA HIS A 310 21.52 -25.05 -14.29
C HIS A 310 20.19 -24.94 -13.53
N THR A 311 19.99 -25.89 -12.62
CA THR A 311 19.03 -25.74 -11.56
C THR A 311 19.79 -25.26 -10.30
N TYR A 312 19.42 -24.09 -9.79
CA TYR A 312 20.08 -23.51 -8.60
C TYR A 312 19.17 -23.65 -7.41
N LEU A 313 19.77 -23.74 -6.22
CA LEU A 313 19.04 -23.68 -4.95
C LEU A 313 19.51 -22.47 -4.13
N LEU A 314 18.57 -21.63 -3.74
CA LEU A 314 18.82 -20.65 -2.69
C LEU A 314 18.03 -21.16 -1.47
N ASN A 315 18.73 -21.66 -0.44
CA ASN A 315 18.08 -22.43 0.62
C ASN A 315 17.52 -21.60 1.81
N ALA A 316 17.09 -20.36 1.52
CA ALA A 316 16.57 -19.43 2.54
C ALA A 316 15.81 -18.34 1.84
N ALA A 317 15.12 -17.49 2.61
CA ALA A 317 14.55 -16.27 2.06
C ALA A 317 15.62 -15.54 1.25
N THR A 318 15.23 -15.01 0.10
CA THR A 318 16.20 -14.47 -0.85
C THR A 318 15.87 -13.00 -1.08
N VAL A 319 16.91 -12.17 -1.12
CA VAL A 319 16.76 -10.77 -1.45
C VAL A 319 17.54 -10.54 -2.76
N LEU A 320 16.86 -10.07 -3.80
CA LEU A 320 17.59 -9.66 -5.01
C LEU A 320 17.95 -8.19 -4.86
N ASN A 321 19.24 -7.92 -4.68
CA ASN A 321 19.74 -6.54 -4.58
C ASN A 321 20.37 -6.22 -5.91
N GLY A 322 19.78 -5.28 -6.64
CA GLY A 322 20.39 -4.89 -7.89
C GLY A 322 20.20 -5.99 -8.93
N LYS A 323 21.27 -6.31 -9.64
CA LYS A 323 21.16 -7.12 -10.83
C LYS A 323 21.65 -8.55 -10.66
N VAL A 324 20.88 -9.48 -11.24
CA VAL A 324 21.37 -10.84 -11.54
CA VAL A 324 21.41 -10.82 -11.57
C VAL A 324 21.27 -11.03 -13.06
N THR A 325 22.30 -11.66 -13.64
CA THR A 325 22.33 -11.93 -15.08
C THR A 325 22.33 -13.41 -15.34
N LEU A 326 21.54 -13.80 -16.36
CA LEU A 326 21.45 -15.20 -16.79
C LEU A 326 22.12 -15.32 -18.15
N ASP A 327 23.16 -16.17 -18.22
CA ASP A 327 24.06 -16.22 -19.37
C ASP A 327 23.87 -17.60 -19.99
N ALA A 328 23.27 -17.64 -21.17
CA ALA A 328 23.05 -18.90 -21.88
C ALA A 328 24.25 -19.43 -22.65
N GLN A 329 25.35 -18.65 -22.66
CA GLN A 329 26.59 -19.06 -23.34
C GLN A 329 26.38 -19.46 -24.82
N GLY A 330 25.49 -18.76 -25.48
CA GLY A 330 25.26 -18.94 -26.93
C GLY A 330 24.15 -19.95 -27.27
N ASN A 331 23.59 -20.61 -26.26
CA ASN A 331 22.57 -21.66 -26.47
C ASN A 331 21.18 -21.09 -26.18
N GLU A 332 20.45 -20.70 -27.22
CA GLU A 332 19.17 -19.97 -27.01
C GLU A 332 18.13 -20.83 -26.32
N ASN A 333 18.28 -22.16 -26.45
CA ASN A 333 17.36 -23.12 -25.78
C ASN A 333 17.71 -23.44 -24.34
N ALA A 334 18.75 -22.80 -23.80
CA ALA A 334 19.16 -23.05 -22.42
C ALA A 334 18.05 -22.68 -21.43
N VAL A 335 17.89 -23.49 -20.38
CA VAL A 335 16.86 -23.29 -19.35
C VAL A 335 17.58 -22.98 -18.02
N PHE A 336 16.98 -22.09 -17.25
CA PHE A 336 17.49 -21.74 -15.93
C PHE A 336 16.37 -21.98 -14.94
N VAL A 337 16.64 -22.74 -13.89
CA VAL A 337 15.63 -22.89 -12.84
C VAL A 337 16.24 -22.41 -11.53
N ILE A 338 15.53 -21.52 -10.83
CA ILE A 338 16.03 -20.96 -9.54
C ILE A 338 15.02 -21.34 -8.46
N LYS A 339 15.39 -22.29 -7.61
CA LYS A 339 14.51 -22.76 -6.54
C LYS A 339 14.86 -21.94 -5.30
N ILE A 340 13.84 -21.38 -4.65
CA ILE A 340 14.08 -20.54 -3.45
C ILE A 340 13.28 -21.16 -2.30
N ASN A 341 13.97 -21.54 -1.21
CA ASN A 341 13.31 -22.15 -0.06
C ASN A 341 13.01 -21.05 0.97
N GLY A 342 12.01 -20.25 0.63
CA GLY A 342 11.55 -19.15 1.49
C GLY A 342 10.97 -18.05 0.60
N ALA A 343 10.73 -16.87 1.17
CA ALA A 343 10.16 -15.74 0.43
C ALA A 343 11.21 -15.08 -0.48
N LEU A 344 10.73 -14.42 -1.51
CA LEU A 344 11.59 -13.63 -2.40
C LEU A 344 11.20 -12.15 -2.27
N SER A 345 12.17 -11.28 -2.04
CA SER A 345 11.92 -9.84 -2.05
C SER A 345 13.06 -9.20 -2.83
N THR A 346 12.93 -7.90 -3.15
CA THR A 346 13.97 -7.23 -3.95
C THR A 346 14.18 -5.82 -3.43
N THR A 347 15.28 -5.22 -3.89
CA THR A 347 15.46 -3.78 -3.75
C THR A 347 14.67 -3.04 -4.83
N VAL A 348 14.43 -1.75 -4.63
CA VAL A 348 14.00 -0.91 -5.77
C VAL A 348 15.04 -1.01 -6.89
N ASN A 349 14.59 -0.89 -8.13
CA ASN A 349 15.48 -0.90 -9.31
C ASN A 349 16.22 -2.23 -9.47
N ALA A 350 15.75 -3.31 -8.82
CA ALA A 350 16.42 -4.60 -9.04
C ALA A 350 16.17 -5.06 -10.49
N SER A 351 16.98 -6.01 -10.99
CA SER A 351 16.81 -6.43 -12.37
C SER A 351 17.27 -7.84 -12.57
N VAL A 352 16.65 -8.48 -13.56
CA VAL A 352 17.10 -9.77 -14.08
C VAL A 352 17.48 -9.46 -15.53
N GLU A 353 18.74 -9.71 -15.92
CA GLU A 353 19.14 -9.47 -17.28
C GLU A 353 19.57 -10.77 -17.96
N LEU A 354 19.40 -10.81 -19.27
CA LEU A 354 19.66 -12.03 -20.04
C LEU A 354 20.74 -11.71 -21.07
N ILE A 355 21.74 -12.59 -21.15
CA ILE A 355 22.82 -12.40 -22.12
C ILE A 355 23.13 -13.67 -22.89
N ASN A 356 23.79 -13.49 -24.03
CA ASN A 356 24.36 -14.60 -24.82
C ASN A 356 23.28 -15.64 -25.19
N GLY A 357 22.11 -15.11 -25.57
CA GLY A 357 21.07 -15.95 -26.14
C GLY A 357 19.96 -16.36 -25.18
N ALA A 358 20.16 -16.08 -23.88
CA ALA A 358 19.16 -16.46 -22.85
C ALA A 358 17.84 -15.72 -23.15
N ILE A 359 16.73 -16.46 -23.06
CA ILE A 359 15.38 -15.89 -23.31
C ILE A 359 14.44 -16.12 -22.11
N ALA A 360 13.57 -15.15 -21.85
CA ALA A 360 12.79 -15.17 -20.61
C ALA A 360 11.82 -16.37 -20.57
N LYS A 361 11.40 -16.88 -21.73
CA LYS A 361 10.55 -18.05 -21.83
C LYS A 361 11.15 -19.27 -21.10
N ASN A 362 12.50 -19.28 -20.98
CA ASN A 362 13.24 -20.45 -20.46
C ASN A 362 13.80 -20.21 -19.05
N VAL A 363 13.27 -19.20 -18.35
CA VAL A 363 13.69 -18.88 -16.99
C VAL A 363 12.53 -19.11 -16.02
N PHE A 364 12.78 -19.94 -15.00
CA PHE A 364 11.74 -20.29 -14.02
C PHE A 364 12.21 -20.09 -12.60
N TRP A 365 11.32 -19.57 -11.76
CA TRP A 365 11.65 -19.32 -10.37
C TRP A 365 10.61 -20.08 -9.55
N LYS A 366 11.07 -21.00 -8.71
CA LYS A 366 10.16 -21.72 -7.83
C LYS A 366 10.32 -21.11 -6.44
N VAL A 367 9.30 -20.40 -5.93
CA VAL A 367 9.46 -19.69 -4.65
C VAL A 367 8.53 -20.28 -3.57
N ASP A 368 9.12 -20.89 -2.56
CA ASP A 368 8.32 -21.50 -1.51
C ASP A 368 8.06 -20.46 -0.42
N GLY A 369 7.21 -19.49 -0.77
CA GLY A 369 6.85 -18.41 0.13
C GLY A 369 6.30 -17.21 -0.63
N ALA A 370 6.21 -16.09 0.07
CA ALA A 370 5.73 -14.82 -0.53
C ALA A 370 6.69 -14.30 -1.59
N VAL A 371 6.15 -13.49 -2.49
CA VAL A 371 6.96 -12.86 -3.57
C VAL A 371 6.66 -11.36 -3.53
N ASP A 372 7.68 -10.55 -3.39
CA ASP A 372 7.48 -9.09 -3.36
C ASP A 372 8.49 -8.48 -4.31
N LEU A 373 8.00 -7.93 -5.41
CA LEU A 373 8.89 -7.27 -6.40
C LEU A 373 8.83 -5.79 -6.14
N ASN A 374 9.95 -5.22 -5.68
CA ASN A 374 9.96 -3.80 -5.22
C ASN A 374 9.90 -2.81 -6.41
N ASP A 375 9.63 -1.52 -6.14
CA ASP A 375 9.35 -0.51 -7.19
C ASP A 375 10.40 -0.55 -8.31
N TYR A 376 9.93 -0.50 -9.54
CA TYR A 376 10.81 -0.35 -10.72
C TYR A 376 11.77 -1.52 -10.91
N THR A 377 11.40 -2.67 -10.37
CA THR A 377 12.16 -3.92 -10.68
C THR A 377 11.84 -4.39 -12.10
N LYS A 378 12.87 -4.86 -12.81
CA LYS A 378 12.71 -5.39 -14.17
C LYS A 378 12.91 -6.89 -14.02
N PHE A 379 11.80 -7.61 -13.96
CA PHE A 379 11.86 -9.05 -13.66
C PHE A 379 11.63 -9.85 -14.93
N LYS A 380 12.27 -11.02 -15.02
CA LYS A 380 12.15 -11.87 -16.24
C LYS A 380 11.99 -13.31 -15.81
N GLY A 381 11.13 -14.03 -16.54
CA GLY A 381 10.91 -15.46 -16.33
C GLY A 381 9.55 -15.72 -15.71
N SER A 382 9.27 -16.99 -15.44
CA SER A 382 7.99 -17.37 -14.84
C SER A 382 8.19 -17.68 -13.36
N VAL A 383 7.56 -16.89 -12.49
CA VAL A 383 7.71 -17.06 -11.05
C VAL A 383 6.51 -17.85 -10.60
N ILE A 384 6.76 -18.95 -9.90
CA ILE A 384 5.68 -19.71 -9.31
C ILE A 384 5.90 -19.77 -7.83
N GLY A 385 5.12 -18.96 -7.12
CA GLY A 385 5.18 -18.87 -5.68
C GLY A 385 4.22 -19.89 -5.09
N ASN A 386 4.38 -20.09 -3.78
CA ASN A 386 3.64 -21.13 -3.06
C ASN A 386 3.35 -20.65 -1.65
N ASN A 387 2.07 -20.63 -1.28
CA ASN A 387 1.63 -20.23 0.04
C ASN A 387 2.24 -18.93 0.53
N GLY A 388 1.88 -17.82 -0.09
CA GLY A 388 2.32 -16.53 0.39
C GLY A 388 1.79 -15.42 -0.49
N ALA A 389 1.55 -14.28 0.12
CA ALA A 389 0.97 -13.14 -0.58
C ALA A 389 1.98 -12.63 -1.60
N VAL A 390 1.46 -12.09 -2.70
CA VAL A 390 2.35 -11.54 -3.71
C VAL A 390 2.07 -10.03 -3.79
N ILE A 391 3.14 -9.24 -3.81
CA ILE A 391 3.00 -7.79 -4.07
C ILE A 391 3.91 -7.42 -5.23
N ILE A 392 3.35 -6.73 -6.22
CA ILE A 392 4.16 -6.27 -7.34
CA ILE A 392 4.13 -6.29 -7.39
C ILE A 392 3.98 -4.76 -7.38
N ASN A 393 5.07 -4.07 -7.03
CA ASN A 393 5.01 -2.62 -6.73
C ASN A 393 5.11 -1.72 -7.93
N THR A 394 4.89 -0.43 -7.69
CA THR A 394 4.84 0.56 -8.76
C THR A 394 5.94 0.41 -9.81
N GLY A 395 5.56 0.34 -11.08
CA GLY A 395 6.51 0.51 -12.13
C GLY A 395 7.25 -0.77 -12.49
N VAL A 396 6.96 -1.87 -11.79
CA VAL A 396 7.62 -3.14 -12.11
C VAL A 396 7.30 -3.54 -13.56
N GLU A 397 8.30 -4.06 -14.28
CA GLU A 397 8.10 -4.60 -15.63
C GLU A 397 8.38 -6.08 -15.51
N ILE A 398 7.47 -6.90 -16.03
CA ILE A 398 7.65 -8.36 -16.06
C ILE A 398 7.61 -8.86 -17.53
N GLU A 399 8.66 -9.58 -17.93
CA GLU A 399 8.65 -10.32 -19.19
C GLU A 399 8.60 -11.77 -18.72
N GLY A 400 7.40 -12.32 -18.74
CA GLY A 400 7.21 -13.66 -18.14
C GLY A 400 5.86 -13.65 -17.44
N ARG A 401 5.81 -14.18 -16.21
CA ARG A 401 4.53 -14.26 -15.48
C ARG A 401 4.79 -14.35 -14.00
N VAL A 402 3.80 -13.93 -13.22
CA VAL A 402 3.89 -14.10 -11.77
C VAL A 402 2.65 -14.86 -11.30
N LEU A 403 2.87 -16.02 -10.69
CA LEU A 403 1.84 -16.99 -10.40
C LEU A 403 2.01 -17.36 -8.93
N SER A 404 0.91 -17.67 -8.24
CA SER A 404 1.03 -18.25 -6.90
C SER A 404 0.01 -19.33 -6.77
N THR A 405 0.43 -20.45 -6.20
CA THR A 405 -0.47 -21.56 -5.96
C THR A 405 -1.53 -21.17 -4.95
N SER A 406 -1.14 -20.32 -4.02
CA SER A 406 -2.01 -19.93 -2.94
C SER A 406 -1.53 -18.62 -2.33
N GLY A 407 -2.42 -17.65 -2.27
CA GLY A 407 -2.00 -16.37 -1.79
C GLY A 407 -2.60 -15.30 -2.64
N GLY A 408 -3.02 -14.24 -1.99
CA GLY A 408 -3.52 -13.08 -2.70
C GLY A 408 -2.42 -12.37 -3.46
N ILE A 409 -2.80 -11.59 -4.46
CA ILE A 409 -1.82 -10.88 -5.29
C ILE A 409 -2.30 -9.43 -5.44
N SER A 410 -1.40 -8.48 -5.17
CA SER A 410 -1.73 -7.07 -5.29
C SER A 410 -0.71 -6.45 -6.21
N THR A 411 -1.19 -5.76 -7.25
CA THR A 411 -0.29 -5.15 -8.20
C THR A 411 -0.56 -3.64 -8.24
N PHE A 412 0.48 -2.87 -8.57
CA PHE A 412 0.39 -1.41 -8.53
C PHE A 412 1.10 -0.84 -9.78
N GLY A 413 0.34 -0.40 -10.79
CA GLY A 413 0.95 0.36 -11.87
C GLY A 413 2.08 -0.39 -12.55
N ILE A 414 1.82 -1.61 -12.98
CA ILE A 414 2.86 -2.50 -13.56
C ILE A 414 2.64 -2.70 -15.06
N ASN A 415 3.65 -3.26 -15.72
CA ASN A 415 3.52 -3.65 -17.13
C ASN A 415 4.03 -5.08 -17.23
N ALA A 416 3.14 -6.02 -17.53
CA ALA A 416 3.54 -7.42 -17.45
C ALA A 416 3.14 -8.10 -18.75
N GLN A 417 4.10 -8.76 -19.39
CA GLN A 417 3.87 -9.34 -20.70
C GLN A 417 4.35 -10.76 -20.76
N MET A 418 3.43 -11.69 -21.02
CA MET A 418 3.79 -13.10 -21.08
C MET A 418 4.81 -13.37 -22.18
N THR A 419 5.65 -14.38 -21.92
CA THR A 419 6.61 -14.90 -22.88
C THR A 419 5.88 -15.97 -23.75
N PRO A 420 6.48 -16.37 -24.88
CA PRO A 420 5.71 -17.19 -25.85
C PRO A 420 5.28 -18.57 -25.37
N GLY A 421 4.19 -19.05 -25.93
CA GLY A 421 3.77 -20.44 -25.77
C GLY A 421 2.24 -20.54 -25.85
N CYS A 422 1.54 -19.46 -25.55
CA CYS A 422 0.10 -19.46 -25.61
C CYS A 422 -0.33 -19.54 -27.08
N GLU A 423 -1.32 -20.36 -27.38
CA GLU A 423 -1.80 -20.53 -28.75
C GLU A 423 -3.30 -20.24 -28.90
N LEU A 424 -3.85 -19.38 -28.05
CA LEU A 424 -5.29 -19.04 -28.09
C LEU A 424 -5.63 -18.22 -29.34
N GLN B 2 -47.56 36.89 23.39
CA GLN B 2 -47.63 36.09 22.12
C GLN B 2 -47.26 34.59 22.33
N ALA B 3 -46.24 34.09 21.63
CA ALA B 3 -45.96 32.65 21.48
C ALA B 3 -45.88 31.83 22.77
N PRO B 4 -46.63 30.71 22.84
CA PRO B 4 -46.56 29.76 23.96
C PRO B 4 -45.20 29.11 24.10
N THR B 5 -44.78 28.91 25.35
CA THR B 5 -43.58 28.11 25.62
C THR B 5 -43.90 26.61 25.48
N LEU B 6 -42.93 25.84 25.00
CA LEU B 6 -43.07 24.36 24.92
C LEU B 6 -42.39 23.62 26.07
N GLY B 7 -41.67 24.35 26.92
CA GLY B 7 -40.95 23.75 28.03
C GLY B 7 -39.99 22.66 27.58
N ALA B 8 -40.05 21.51 28.25
CA ALA B 8 -39.23 20.32 27.94
C ALA B 8 -39.52 19.74 26.55
N ALA B 9 -40.74 19.95 26.05
CA ALA B 9 -41.11 19.46 24.73
C ALA B 9 -40.22 20.09 23.64
N ALA B 10 -39.67 21.27 23.90
CA ALA B 10 -38.81 21.97 22.94
C ALA B 10 -37.54 21.17 22.62
N ASN B 11 -37.13 20.29 23.53
CA ASN B 11 -35.96 19.43 23.30
C ASN B 11 -36.14 18.45 22.14
N PHE B 12 -37.38 18.23 21.75
CA PHE B 12 -37.71 17.14 20.82
C PHE B 12 -37.97 17.60 19.39
N ALA B 13 -37.56 16.76 18.45
CA ALA B 13 -37.99 16.86 17.05
C ALA B 13 -39.27 16.06 16.87
N LEU B 14 -39.33 14.88 17.50
CA LEU B 14 -40.50 14.00 17.40
C LEU B 14 -40.84 13.48 18.78
N PHE B 15 -42.07 13.70 19.22
CA PHE B 15 -42.49 13.29 20.54
C PHE B 15 -43.96 12.94 20.68
N THR B 16 -44.27 11.80 21.32
CA THR B 16 -45.64 11.57 21.79
C THR B 16 -45.74 11.21 23.27
N THR B 17 -46.77 11.73 23.92
CA THR B 17 -47.05 11.43 25.32
C THR B 17 -47.45 9.96 25.48
N ALA B 18 -48.05 9.37 24.44
CA ALA B 18 -48.47 7.97 24.48
C ALA B 18 -48.66 7.46 23.07
N GLY B 19 -47.83 6.48 22.69
CA GLY B 19 -47.96 5.82 21.40
C GLY B 19 -46.62 5.37 20.81
N ALA B 20 -46.72 4.55 19.76
CA ALA B 20 -45.55 4.03 19.03
C ALA B 20 -44.88 5.12 18.20
N VAL B 21 -43.55 5.11 18.15
CA VAL B 21 -42.82 6.05 17.33
C VAL B 21 -41.90 5.22 16.41
N THR B 22 -42.14 5.34 15.11
CA THR B 22 -41.54 4.46 14.07
C THR B 22 -40.93 5.23 12.91
N ASN B 23 -39.77 4.74 12.44
CA ASN B 23 -39.13 5.24 11.23
C ASN B 23 -39.03 4.15 10.19
N THR B 24 -39.10 4.56 8.91
CA THR B 24 -38.72 3.74 7.75
C THR B 24 -37.77 4.52 6.82
N GLY B 25 -36.76 3.84 6.29
CA GLY B 25 -35.82 4.46 5.34
C GLY B 25 -34.75 5.33 5.99
N LEU B 26 -34.04 6.11 5.19
CA LEU B 26 -32.99 6.99 5.72
C LEU B 26 -33.58 8.34 6.07
N SER B 27 -33.64 8.63 7.37
CA SER B 27 -34.17 9.89 7.85
C SER B 27 -33.08 10.69 8.52
N HIS B 28 -33.23 12.01 8.49
CA HIS B 28 -32.28 12.94 9.05
C HIS B 28 -33.01 13.76 10.12
N ILE B 29 -32.61 13.61 11.37
CA ILE B 29 -33.38 14.21 12.48
C ILE B 29 -32.46 14.96 13.41
N THR B 30 -32.85 16.20 13.75
CA THR B 30 -32.11 17.00 14.72
C THR B 30 -33.07 17.36 15.85
N GLY B 31 -32.77 16.85 17.04
CA GLY B 31 -33.54 17.04 18.27
C GLY B 31 -33.86 15.67 18.82
N ASP B 32 -34.38 15.62 20.05
CA ASP B 32 -34.65 14.33 20.69
C ASP B 32 -35.81 13.58 20.02
N VAL B 33 -35.84 12.25 20.19
CA VAL B 33 -36.93 11.44 19.62
C VAL B 33 -37.47 10.53 20.71
N GLY B 34 -38.79 10.53 20.91
CA GLY B 34 -39.29 9.69 21.96
C GLY B 34 -40.76 9.61 22.21
N THR B 35 -41.08 8.81 23.21
CA THR B 35 -42.45 8.54 23.59
C THR B 35 -42.47 8.23 25.09
N ASN B 36 -43.50 8.70 25.78
CA ASN B 36 -43.59 8.51 27.22
C ASN B 36 -44.12 7.15 27.65
N ASN B 37 -44.51 6.30 26.71
CA ASN B 37 -45.02 4.96 27.07
C ASN B 37 -44.51 3.78 26.22
N ALA B 38 -43.54 4.04 25.35
CA ALA B 38 -42.98 2.99 24.51
C ALA B 38 -41.50 3.28 24.23
N ALA B 39 -40.94 2.59 23.24
CA ALA B 39 -39.59 2.83 22.76
C ALA B 39 -39.65 2.97 21.26
N SER B 40 -39.00 3.99 20.68
CA SER B 40 -39.02 4.25 19.23
C SER B 40 -38.29 3.14 18.48
N THR B 41 -38.73 2.82 17.26
CA THR B 41 -38.12 1.73 16.54
C THR B 41 -37.62 2.14 15.17
N ASN B 42 -36.54 1.46 14.77
CA ASN B 42 -36.00 1.55 13.41
C ASN B 42 -35.42 2.91 13.00
N PHE B 43 -35.11 3.78 13.97
CA PHE B 43 -34.35 5.00 13.62
C PHE B 43 -32.88 4.66 13.42
N GLY B 44 -32.20 5.44 12.58
CA GLY B 44 -30.74 5.35 12.39
C GLY B 44 -30.10 6.43 13.25
N ASN B 45 -28.95 6.96 12.83
CA ASN B 45 -28.27 8.01 13.60
C ASN B 45 -29.12 9.28 13.65
N VAL B 46 -29.41 9.71 14.88
CA VAL B 46 -30.20 10.91 15.15
C VAL B 46 -29.33 11.93 15.86
N ASP B 47 -29.37 13.20 15.43
CA ASP B 47 -28.66 14.24 16.18
C ASP B 47 -29.51 14.70 17.38
N GLY B 48 -29.51 13.89 18.43
CA GLY B 48 -30.53 14.01 19.49
C GLY B 48 -30.53 12.74 20.30
N VAL B 49 -31.16 12.78 21.47
CA VAL B 49 -31.21 11.61 22.32
C VAL B 49 -32.51 10.84 22.09
N MET B 50 -32.40 9.52 22.00
CA MET B 50 -33.56 8.63 21.97
C MET B 50 -34.11 8.50 23.39
N GLN B 51 -35.26 9.12 23.63
CA GLN B 51 -35.83 9.14 24.99
C GLN B 51 -37.05 8.22 25.04
N ASP B 52 -36.99 7.17 25.85
CA ASP B 52 -38.07 6.19 25.94
C ASP B 52 -38.57 6.04 27.38
N SER B 53 -39.81 6.47 27.64
CA SER B 53 -40.49 6.24 28.95
C SER B 53 -39.62 6.58 30.17
N ASN B 54 -39.14 7.82 30.22
CA ASN B 54 -38.20 8.24 31.25
C ASN B 54 -38.56 9.62 31.79
N GLY B 55 -37.68 10.20 32.62
CA GLY B 55 -37.95 11.51 33.22
C GLY B 55 -38.05 12.61 32.17
N ALA B 56 -37.27 12.47 31.10
CA ALA B 56 -37.29 13.41 29.98
C ALA B 56 -38.62 13.39 29.22
N THR B 57 -39.16 12.20 28.96
CA THR B 57 -40.45 12.07 28.28
C THR B 57 -41.63 12.41 29.19
N SER B 58 -41.47 12.15 30.48
CA SER B 58 -42.49 12.54 31.45
C SER B 58 -42.61 14.08 31.49
N ALA B 59 -41.48 14.77 31.55
CA ALA B 59 -41.45 16.23 31.55
C ALA B 59 -41.98 16.83 30.24
N ALA B 60 -41.60 16.25 29.08
CA ALA B 60 -42.12 16.69 27.79
C ALA B 60 -43.65 16.50 27.70
N ALA B 61 -44.16 15.39 28.25
CA ALA B 61 -45.61 15.13 28.24
C ALA B 61 -46.38 16.22 29.01
N ALA B 62 -45.93 16.52 30.21
CA ALA B 62 -46.56 17.54 31.06
C ALA B 62 -46.50 18.94 30.44
N ASP B 63 -45.33 19.29 29.88
CA ASP B 63 -45.10 20.60 29.27
C ASP B 63 -45.81 20.77 27.94
N LEU B 64 -45.94 19.68 27.18
CA LEU B 64 -46.71 19.72 25.92
C LEU B 64 -48.17 20.02 26.22
N LEU B 65 -48.68 19.45 27.29
CA LEU B 65 -50.07 19.68 27.67
C LEU B 65 -50.29 21.15 28.01
N ILE B 66 -49.36 21.75 28.75
CA ILE B 66 -49.39 23.18 29.09
C ILE B 66 -49.38 24.03 27.82
N ALA B 67 -48.48 23.69 26.89
CA ALA B 67 -48.42 24.31 25.57
C ALA B 67 -49.72 24.11 24.76
N TYR B 68 -50.24 22.89 24.70
CA TYR B 68 -51.53 22.66 24.04
C TYR B 68 -52.67 23.54 24.59
N ASN B 69 -52.80 23.61 25.91
CA ASN B 69 -53.89 24.38 26.50
C ASN B 69 -53.74 25.86 26.19
N LEU B 70 -52.48 26.32 26.06
CA LEU B 70 -52.17 27.70 25.72
C LEU B 70 -52.59 28.00 24.28
N LEU B 71 -52.19 27.13 23.35
CA LEU B 71 -52.66 27.20 21.96
C LEU B 71 -54.18 27.18 21.87
N ASN B 72 -54.80 26.28 22.63
CA ASN B 72 -56.25 26.18 22.68
C ASN B 72 -56.94 27.43 23.22
N ALA B 73 -56.24 28.16 24.09
CA ALA B 73 -56.80 29.40 24.67
C ALA B 73 -56.63 30.60 23.73
N ALA B 74 -55.73 30.50 22.75
CA ALA B 74 -55.51 31.59 21.78
C ALA B 74 -56.80 32.05 21.07
N ILE B 75 -57.04 33.35 21.10
CA ILE B 75 -58.26 33.93 20.53
C ILE B 75 -58.06 34.18 19.03
N PRO B 76 -58.85 33.50 18.16
CA PRO B 76 -58.72 33.62 16.71
C PRO B 76 -58.73 35.08 16.24
N THR B 77 -57.83 35.45 15.34
CA THR B 77 -57.83 36.80 14.73
C THR B 77 -58.52 36.81 13.36
N ALA B 78 -58.72 35.62 12.78
CA ALA B 78 -59.40 35.46 11.48
C ALA B 78 -59.77 33.99 11.23
N THR B 79 -60.72 33.79 10.31
CA THR B 79 -61.18 32.45 9.92
C THR B 79 -60.78 32.21 8.47
N LEU B 80 -60.25 31.02 8.19
CA LEU B 80 -59.84 30.64 6.84
C LEU B 80 -60.66 29.48 6.34
N ALA B 81 -60.80 29.35 5.02
CA ALA B 81 -61.51 28.23 4.40
C ALA B 81 -60.72 26.91 4.57
N PRO B 82 -61.33 25.75 4.29
CA PRO B 82 -60.67 24.46 4.55
C PRO B 82 -59.50 24.12 3.63
N LEU B 83 -59.58 24.51 2.35
CA LEU B 83 -58.43 24.35 1.43
C LEU B 83 -57.45 25.50 1.62
N LEU B 84 -56.24 25.18 2.05
CA LEU B 84 -55.25 26.20 2.32
C LEU B 84 -53.96 26.04 1.49
N GLY B 85 -53.46 27.17 0.99
CA GLY B 85 -52.24 27.21 0.20
C GLY B 85 -52.50 27.76 -1.19
N ASN B 86 -52.06 27.02 -2.20
CA ASN B 86 -52.24 27.42 -3.60
C ASN B 86 -51.90 28.88 -3.87
N GLY B 87 -50.78 29.32 -3.34
CA GLY B 87 -50.30 30.67 -3.58
C GLY B 87 -50.67 31.70 -2.53
N THR B 88 -51.51 31.32 -1.55
CA THR B 88 -51.91 32.24 -0.47
C THR B 88 -50.73 32.69 0.40
N THR B 89 -50.74 33.96 0.78
CA THR B 89 -49.82 34.49 1.79
C THR B 89 -50.59 35.01 3.02
N LEU B 90 -50.12 34.61 4.20
CA LEU B 90 -50.72 35.02 5.47
C LEU B 90 -49.71 35.79 6.31
N THR B 91 -50.17 36.84 6.97
CA THR B 91 -49.35 37.52 7.96
C THR B 91 -49.64 36.95 9.35
N ALA B 92 -49.02 37.52 10.38
CA ALA B 92 -49.16 37.05 11.75
C ALA B 92 -50.63 36.98 12.18
N GLY B 93 -50.95 36.01 13.04
CA GLY B 93 -52.29 35.91 13.61
C GLY B 93 -52.63 34.54 14.13
N ASN B 94 -53.83 34.46 14.72
CA ASN B 94 -54.41 33.20 15.17
C ASN B 94 -55.55 32.84 14.22
N TYR B 95 -55.36 31.78 13.44
CA TYR B 95 -56.25 31.42 12.33
C TYR B 95 -57.05 30.18 12.66
N PHE B 96 -58.37 30.31 12.60
CA PHE B 96 -59.29 29.28 12.98
C PHE B 96 -59.87 28.60 11.75
N ILE B 97 -59.79 27.28 11.70
CA ILE B 97 -60.44 26.50 10.64
C ILE B 97 -61.38 25.51 11.33
N GLY B 98 -62.69 25.73 11.17
CA GLY B 98 -63.73 25.02 11.96
C GLY B 98 -64.03 23.56 11.63
N GLN B 99 -63.13 22.94 10.88
CA GLN B 99 -63.22 21.54 10.47
C GLN B 99 -61.83 21.10 10.03
N GLY B 100 -61.73 19.90 9.45
CA GLY B 100 -60.46 19.38 8.96
C GLY B 100 -59.95 20.22 7.80
N ALA B 101 -58.62 20.38 7.72
CA ALA B 101 -58.02 21.25 6.72
C ALA B 101 -57.13 20.46 5.75
N SER B 102 -57.02 20.97 4.51
CA SER B 102 -56.11 20.40 3.50
C SER B 102 -55.13 21.46 3.00
N LEU B 103 -53.84 21.19 3.19
CA LEU B 103 -52.78 22.02 2.64
C LEU B 103 -52.50 21.60 1.20
N SER B 104 -52.25 22.59 0.35
CA SER B 104 -52.00 22.32 -1.07
C SER B 104 -51.10 23.40 -1.69
N GLY B 105 -50.26 22.99 -2.65
CA GLY B 105 -49.41 23.96 -3.36
C GLY B 105 -48.53 24.69 -2.38
N THR B 106 -48.39 26.00 -2.56
CA THR B 106 -47.53 26.81 -1.70
CA THR B 106 -47.53 26.83 -1.72
C THR B 106 -48.33 27.67 -0.70
N LEU B 107 -47.83 27.72 0.54
CA LEU B 107 -48.40 28.61 1.56
C LEU B 107 -47.28 29.44 2.13
N THR B 108 -47.40 30.74 2.02
CA THR B 108 -46.34 31.66 2.45
C THR B 108 -46.70 32.40 3.74
N LEU B 109 -45.85 32.25 4.76
CA LEU B 109 -46.07 32.91 6.04
C LEU B 109 -45.14 34.10 6.07
N ASP B 110 -45.74 35.27 6.03
CA ASP B 110 -45.07 36.54 5.89
C ASP B 110 -44.92 37.23 7.26
N GLY B 111 -43.68 37.37 7.71
CA GLY B 111 -43.39 38.00 9.00
C GLY B 111 -43.62 39.50 9.11
N GLY B 112 -43.97 40.15 8.00
CA GLY B 112 -44.22 41.60 7.99
C GLY B 112 -43.00 42.42 8.37
N GLY B 113 -41.82 41.80 8.30
CA GLY B 113 -40.57 42.44 8.73
C GLY B 113 -40.35 42.38 10.23
N ASN B 114 -41.11 41.52 10.91
CA ASN B 114 -41.06 41.40 12.35
C ASN B 114 -40.85 39.95 12.79
N SER B 115 -39.64 39.63 13.26
CA SER B 115 -39.28 38.26 13.62
C SER B 115 -40.08 37.71 14.82
N ASN B 116 -40.72 38.61 15.58
CA ASN B 116 -41.59 38.23 16.69
C ASN B 116 -43.02 37.84 16.25
N SER B 117 -43.28 37.83 14.95
CA SER B 117 -44.60 37.44 14.41
C SER B 117 -44.96 36.02 14.81
N VAL B 118 -46.14 35.83 15.38
CA VAL B 118 -46.60 34.49 15.74
C VAL B 118 -47.73 34.07 14.79
N PHE B 119 -47.63 32.82 14.32
CA PHE B 119 -48.62 32.19 13.43
C PHE B 119 -49.15 30.97 14.16
N ILE B 120 -50.41 31.04 14.59
CA ILE B 120 -51.07 29.93 15.25
C ILE B 120 -52.26 29.48 14.40
N PHE B 121 -52.29 28.19 14.10
CA PHE B 121 -53.37 27.60 13.30
C PHE B 121 -54.20 26.65 14.16
N LYS B 122 -55.44 27.05 14.43
CA LYS B 122 -56.39 26.19 15.14
C LYS B 122 -57.21 25.36 14.13
N ILE B 123 -56.78 24.11 13.91
CA ILE B 123 -57.39 23.19 12.95
C ILE B 123 -58.33 22.27 13.71
N GLN B 124 -59.62 22.57 13.64
CA GLN B 124 -60.63 21.84 14.42
C GLN B 124 -61.08 20.58 13.68
N GLY B 125 -60.13 19.68 13.44
CA GLY B 125 -60.32 18.48 12.63
C GLY B 125 -58.98 17.95 12.17
N ALA B 126 -58.96 17.08 11.17
CA ALA B 126 -57.69 16.48 10.69
C ALA B 126 -56.88 17.48 9.84
N LEU B 127 -55.58 17.24 9.72
CA LEU B 127 -54.76 18.06 8.83
C LEU B 127 -54.01 17.19 7.83
N SER B 128 -54.26 17.42 6.54
CA SER B 128 -53.59 16.69 5.46
C SER B 128 -52.89 17.67 4.55
N SER B 129 -51.87 17.18 3.84
CA SER B 129 -51.36 17.96 2.72
C SER B 129 -51.35 17.09 1.46
N ALA B 130 -51.36 17.77 0.30
CA ALA B 130 -51.17 17.12 -0.98
C ALA B 130 -49.66 16.93 -1.20
N ALA B 131 -49.28 15.92 -1.97
CA ALA B 131 -47.88 15.72 -2.41
C ALA B 131 -47.25 17.03 -2.90
N ASN B 132 -46.00 17.27 -2.49
CA ASN B 132 -45.22 18.44 -2.93
C ASN B 132 -45.68 19.81 -2.39
N THR B 133 -46.56 19.79 -1.38
CA THR B 133 -47.01 21.03 -0.72
C THR B 133 -45.79 21.70 -0.10
N GLN B 134 -45.73 23.03 -0.19
CA GLN B 134 -44.64 23.77 0.42
C GLN B 134 -45.06 24.95 1.29
N VAL B 135 -44.71 24.86 2.57
CA VAL B 135 -44.88 25.99 3.47
C VAL B 135 -43.58 26.76 3.51
N LEU B 136 -43.68 28.03 3.14
CA LEU B 136 -42.52 28.90 3.01
C LEU B 136 -42.55 30.01 4.06
N LEU B 137 -41.37 30.41 4.52
CA LEU B 137 -41.27 31.53 5.47
C LEU B 137 -40.65 32.71 4.77
N THR B 138 -41.19 33.90 5.01
CA THR B 138 -40.64 35.06 4.34
C THR B 138 -40.64 36.27 5.27
N ASN B 139 -39.80 37.24 4.92
CA ASN B 139 -39.86 38.56 5.53
C ASN B 139 -39.86 38.50 7.07
N GLY B 140 -38.96 37.68 7.62
CA GLY B 140 -38.72 37.66 9.05
C GLY B 140 -39.43 36.59 9.86
N ALA B 141 -40.43 35.94 9.25
CA ALA B 141 -41.13 34.82 9.86
C ALA B 141 -40.15 33.70 10.27
N LEU B 142 -40.32 33.19 11.49
CA LEU B 142 -39.45 32.13 12.04
C LEU B 142 -40.26 30.86 12.29
N ALA B 143 -39.69 29.69 11.94
CA ALA B 143 -40.35 28.40 12.19
C ALA B 143 -40.75 28.20 13.64
N CYS B 144 -39.94 28.72 14.55
CA CYS B 144 -40.18 28.49 15.98
C CYS B 144 -41.41 29.23 16.46
N ASN B 145 -41.88 30.19 15.65
CA ASN B 145 -43.08 31.00 15.98
C ASN B 145 -44.33 30.53 15.22
N VAL B 146 -44.25 29.35 14.61
CA VAL B 146 -45.39 28.75 13.89
C VAL B 146 -45.92 27.51 14.66
N PHE B 147 -47.23 27.50 14.94
CA PHE B 147 -47.85 26.38 15.63
C PHE B 147 -49.10 25.93 14.88
N TRP B 148 -49.29 24.62 14.84
CA TRP B 148 -50.50 24.00 14.29
C TRP B 148 -51.17 23.20 15.41
N LYS B 149 -52.34 23.65 15.88
CA LYS B 149 -53.05 22.92 16.93
C LYS B 149 -54.16 22.08 16.30
N VAL B 150 -53.90 20.78 16.15
CA VAL B 150 -54.69 19.93 15.22
C VAL B 150 -55.55 18.91 15.97
N GLU B 151 -56.87 19.07 15.86
CA GLU B 151 -57.84 18.20 16.54
C GLU B 151 -58.16 16.99 15.66
N GLY B 152 -57.14 16.22 15.30
CA GLY B 152 -57.30 15.11 14.35
C GLY B 152 -56.01 14.63 13.72
N LEU B 153 -56.10 13.57 12.93
CA LEU B 153 -54.94 12.98 12.26
C LEU B 153 -54.17 14.02 11.44
N VAL B 154 -52.86 14.10 11.67
CA VAL B 154 -51.99 14.85 10.78
C VAL B 154 -51.36 13.87 9.78
N ASP B 155 -51.64 14.06 8.49
CA ASP B 155 -51.06 13.20 7.45
C ASP B 155 -50.47 14.05 6.33
N LEU B 156 -49.15 14.16 6.33
CA LEU B 156 -48.46 15.00 5.34
C LEU B 156 -47.89 14.12 4.22
N ALA B 157 -48.34 14.40 3.00
CA ALA B 157 -47.99 13.61 1.82
C ALA B 157 -46.54 13.76 1.38
N THR B 158 -46.11 12.83 0.52
CA THR B 158 -44.76 12.74 -0.05
CA THR B 158 -44.73 12.77 0.03
C THR B 158 -44.17 14.13 -0.38
N ASN B 159 -42.95 14.40 0.12
CA ASN B 159 -42.20 15.62 -0.22
C ASN B 159 -42.83 16.93 0.25
N THR B 160 -43.72 16.87 1.25
CA THR B 160 -44.22 18.11 1.84
C THR B 160 -43.14 18.85 2.60
N VAL B 161 -42.98 20.12 2.29
CA VAL B 161 -42.12 21.01 3.07
C VAL B 161 -43.02 21.68 4.12
N MET B 162 -42.77 21.41 5.41
CA MET B 162 -43.62 21.90 6.51
C MET B 162 -42.82 22.79 7.47
N LYS B 163 -43.52 23.72 8.10
CA LYS B 163 -42.90 24.65 9.03
CA LYS B 163 -42.90 24.66 9.03
C LYS B 163 -43.66 24.66 10.34
N GLY B 164 -42.92 24.66 11.45
CA GLY B 164 -43.54 24.88 12.77
C GLY B 164 -43.76 23.69 13.67
N ASN B 165 -44.32 23.99 14.83
CA ASN B 165 -44.68 22.99 15.83
C ASN B 165 -46.04 22.43 15.55
N VAL B 166 -46.04 21.21 15.01
CA VAL B 166 -47.28 20.52 14.70
C VAL B 166 -47.69 19.72 15.94
N VAL B 167 -48.77 20.15 16.57
CA VAL B 167 -49.27 19.56 17.79
C VAL B 167 -50.59 18.86 17.47
N ALA B 168 -50.55 17.53 17.42
CA ALA B 168 -51.76 16.73 17.24
C ALA B 168 -52.35 16.40 18.60
N ASN B 169 -53.61 16.80 18.83
CA ASN B 169 -54.29 16.50 20.06
C ASN B 169 -55.12 15.22 19.95
N ASN B 170 -54.75 14.22 20.73
CA ASN B 170 -55.44 12.93 20.72
C ASN B 170 -55.59 12.34 19.31
N ALA B 171 -54.49 12.40 18.56
CA ALA B 171 -54.44 11.91 17.19
C ALA B 171 -53.00 11.63 16.82
N ALA B 172 -52.82 10.75 15.84
CA ALA B 172 -51.50 10.37 15.33
C ALA B 172 -50.94 11.38 14.33
N ILE B 173 -49.64 11.27 14.06
CA ILE B 173 -49.01 12.07 13.00
C ILE B 173 -48.30 11.09 12.08
N VAL B 174 -48.60 11.19 10.79
CA VAL B 174 -47.92 10.41 9.77
C VAL B 174 -47.16 11.36 8.86
N LEU B 175 -45.85 11.15 8.73
CA LEU B 175 -45.08 11.95 7.79
C LEU B 175 -44.58 11.04 6.67
N GLN B 176 -45.11 11.22 5.46
CA GLN B 176 -44.76 10.34 4.34
C GLN B 176 -43.39 10.64 3.75
N SER B 177 -42.95 9.77 2.85
CA SER B 177 -41.64 9.80 2.22
C SER B 177 -41.19 11.21 1.84
N GLY B 178 -40.07 11.65 2.40
CA GLY B 178 -39.45 12.87 1.92
C GLY B 178 -39.98 14.16 2.50
N VAL B 179 -40.90 14.09 3.47
CA VAL B 179 -41.32 15.28 4.20
C VAL B 179 -40.11 15.97 4.83
N SER B 180 -40.09 17.29 4.76
CA SER B 180 -39.02 18.07 5.32
C SER B 180 -39.63 19.09 6.26
N LEU B 181 -39.40 18.92 7.57
CA LEU B 181 -40.09 19.73 8.59
C LEU B 181 -39.06 20.54 9.35
N GLU B 182 -39.11 21.86 9.24
CA GLU B 182 -38.35 22.73 10.13
C GLU B 182 -39.37 23.05 11.22
N GLY B 183 -39.26 22.36 12.36
CA GLY B 183 -40.34 22.33 13.35
C GLY B 183 -40.31 21.06 14.15
N ARG B 184 -41.47 20.66 14.69
CA ARG B 184 -41.59 19.46 15.52
C ARG B 184 -42.87 18.71 15.18
N ALA B 185 -42.88 17.41 15.43
CA ALA B 185 -44.10 16.60 15.36
C ALA B 185 -44.39 16.18 16.79
N LEU B 186 -45.48 16.69 17.37
CA LEU B 186 -45.75 16.47 18.78
C LEU B 186 -47.19 16.00 18.92
N SER B 187 -47.42 14.91 19.65
CA SER B 187 -48.78 14.43 19.92
C SER B 187 -49.07 14.34 21.42
N THR B 188 -50.28 14.77 21.83
CA THR B 188 -50.72 14.67 23.22
C THR B 188 -51.16 13.25 23.63
N THR B 189 -51.43 12.41 22.62
CA THR B 189 -51.38 10.92 22.62
C THR B 189 -51.78 10.51 21.19
N GLY B 190 -51.06 9.52 20.66
CA GLY B 190 -51.19 9.07 19.27
C GLY B 190 -49.84 8.68 18.76
N ALA B 191 -49.81 7.78 17.76
CA ALA B 191 -48.55 7.30 17.17
C ALA B 191 -47.86 8.38 16.35
N ILE B 192 -46.55 8.25 16.16
CA ILE B 192 -45.82 9.12 15.22
C ILE B 192 -45.05 8.19 14.29
N THR B 193 -45.34 8.30 12.99
CA THR B 193 -44.77 7.42 11.97
C THR B 193 -44.13 8.27 10.86
N VAL B 194 -42.85 8.03 10.57
CA VAL B 194 -42.13 8.82 9.57
C VAL B 194 -41.43 7.89 8.59
N THR B 195 -41.29 8.35 7.34
CA THR B 195 -40.58 7.60 6.29
C THR B 195 -39.66 8.53 5.52
N GLY B 196 -38.36 8.22 5.56
CA GLY B 196 -37.35 8.99 4.85
C GLY B 196 -37.51 10.50 4.96
N VAL B 197 -37.64 11.00 6.17
CA VAL B 197 -37.91 12.42 6.43
C VAL B 197 -36.65 13.19 6.82
N THR B 198 -36.76 14.52 6.73
CA THR B 198 -35.81 15.40 7.39
C THR B 198 -36.63 16.21 8.39
N VAL B 199 -36.31 16.10 9.68
CA VAL B 199 -37.02 16.91 10.72
C VAL B 199 -35.96 17.54 11.59
N ARG B 200 -35.96 18.88 11.67
CA ARG B 200 -34.98 19.57 12.50
CA ARG B 200 -34.96 19.62 12.46
C ARG B 200 -35.72 20.59 13.34
N LYS B 201 -35.58 20.44 14.66
CA LYS B 201 -36.25 21.35 15.60
C LYS B 201 -35.81 22.78 15.28
N PRO B 202 -36.74 23.74 15.33
CA PRO B 202 -36.34 25.09 14.98
C PRO B 202 -35.43 25.68 16.06
N ILE B 203 -34.46 26.49 15.67
CA ILE B 203 -33.67 27.25 16.66
C ILE B 203 -34.26 28.65 16.84
N LEU B 204 -33.64 29.48 17.68
CA LEU B 204 -34.18 30.82 17.98
C LEU B 204 -35.37 30.68 18.93
N CYS B 205 -36.22 31.72 19.04
CA CYS B 205 -37.26 31.78 20.07
C CYS B 205 -36.78 31.38 21.47
N GLY B 206 -35.62 31.88 21.87
CA GLY B 206 -35.16 31.71 23.24
C GLY B 206 -34.47 30.39 23.50
N SER B 207 -34.29 29.61 22.43
CA SER B 207 -33.53 28.40 22.47
C SER B 207 -32.09 28.75 22.85
N ALA B 208 -31.50 28.04 23.82
CA ALA B 208 -30.12 28.23 24.24
C ALA B 208 -29.14 28.03 23.06
N VAL B 209 -28.20 28.96 22.87
CA VAL B 209 -27.21 28.87 21.79
C VAL B 209 -26.20 27.78 22.12
N LEU B 210 -26.01 26.83 21.22
CA LEU B 210 -25.06 25.74 21.44
C LEU B 210 -23.59 26.21 21.32
N THR B 211 -22.79 25.86 22.33
CA THR B 211 -21.38 26.21 22.36
C THR B 211 -20.51 24.99 22.12
N GLY B 212 -21.03 23.81 22.45
CA GLY B 212 -20.20 22.59 22.54
C GLY B 212 -19.30 22.67 23.77
N PRO B 213 -18.42 21.67 23.96
CA PRO B 213 -17.55 21.61 25.12
C PRO B 213 -16.39 22.61 25.01
N VAL B 214 -15.65 22.79 26.09
CA VAL B 214 -14.38 23.53 26.00
C VAL B 214 -13.35 22.74 25.19
N ALA B 215 -12.77 23.34 24.14
CA ALA B 215 -11.76 22.66 23.29
C ALA B 215 -10.54 22.26 24.10
N PRO B 216 -9.84 21.17 23.68
CA PRO B 216 -8.57 20.84 24.32
C PRO B 216 -7.55 21.88 24.02
N ASN B 217 -6.63 22.08 24.95
CA ASN B 217 -5.44 22.87 24.68
C ASN B 217 -4.48 21.90 24.03
N LEU B 218 -4.07 22.16 22.78
CA LEU B 218 -3.15 21.27 22.06
C LEU B 218 -1.68 21.58 22.39
N GLY B 219 -1.44 22.66 23.11
CA GLY B 219 -0.06 23.13 23.35
C GLY B 219 0.73 23.19 22.03
N THR B 220 1.95 22.66 22.05
CA THR B 220 2.82 22.80 20.88
C THR B 220 2.41 21.90 19.73
N VAL B 221 1.54 20.91 19.99
CA VAL B 221 1.17 20.01 18.87
C VAL B 221 0.22 20.71 17.87
N VAL B 222 -0.28 21.90 18.23
CA VAL B 222 -0.98 22.76 17.27
C VAL B 222 -0.05 23.13 16.07
N CYS B 223 1.26 23.10 16.28
CA CYS B 223 2.24 23.39 15.21
C CYS B 223 2.55 22.22 14.31
N TYR B 224 2.04 21.03 14.66
CA TYR B 224 2.20 19.84 13.84
C TYR B 224 0.93 19.51 13.05
N THR B 225 1.15 18.93 11.88
CA THR B 225 0.07 18.51 11.01
C THR B 225 -0.01 17.00 10.85
N ILE B 226 1.14 16.33 10.83
CA ILE B 226 1.17 14.87 10.82
C ILE B 226 2.23 14.46 11.85
N PHE B 227 1.79 13.73 12.89
CA PHE B 227 2.69 13.50 14.03
C PHE B 227 2.31 12.25 14.78
N SER B 228 3.31 11.42 15.07
CA SER B 228 3.16 10.32 16.03
C SER B 228 4.01 10.48 17.27
N GLY B 229 3.41 10.21 18.45
CA GLY B 229 4.19 10.07 19.70
C GLY B 229 5.02 8.81 19.76
N ASN B 230 4.64 7.79 18.99
CA ASN B 230 5.39 6.56 18.98
C ASN B 230 5.07 5.75 17.72
N GLY B 231 6.03 5.71 16.79
CA GLY B 231 5.93 4.87 15.63
C GLY B 231 6.43 5.55 14.39
N ALA B 232 6.85 4.77 13.40
CA ALA B 232 7.48 5.35 12.19
C ALA B 232 6.47 6.20 11.45
N LEU B 233 6.96 7.28 10.84
CA LEU B 233 6.16 8.11 9.98
C LEU B 233 6.77 8.03 8.57
N THR B 234 5.99 7.56 7.59
CA THR B 234 6.53 7.30 6.26
C THR B 234 5.58 7.86 5.23
N ASN B 235 6.07 8.77 4.41
CA ASN B 235 5.28 9.23 3.24
C ASN B 235 5.77 8.62 1.95
N ALA B 236 4.84 8.38 1.03
CA ALA B 236 5.22 8.00 -0.35
C ALA B 236 4.46 8.92 -1.30
N GLY B 237 4.96 9.07 -2.53
CA GLY B 237 4.24 9.89 -3.50
C GLY B 237 4.53 11.37 -3.29
N ILE B 238 3.78 12.21 -4.00
CA ILE B 238 3.95 13.67 -3.90
C ILE B 238 2.94 14.25 -2.89
N THR B 239 3.48 14.74 -1.78
CA THR B 239 2.68 15.16 -0.65
C THR B 239 3.07 16.56 -0.30
N TYR B 240 2.08 17.39 0.07
CA TYR B 240 2.41 18.77 0.54
C TYR B 240 1.79 18.99 1.92
N VAL B 241 2.53 19.63 2.81
CA VAL B 241 2.06 19.81 4.20
C VAL B 241 2.31 21.26 4.59
N THR B 242 1.35 21.89 5.26
CA THR B 242 1.63 23.12 6.00
C THR B 242 1.56 22.79 7.49
N GLY B 243 2.66 23.06 8.17
CA GLY B 243 2.90 22.65 9.56
C GLY B 243 4.05 21.64 9.68
N ASP B 244 4.34 21.24 10.92
CA ASP B 244 5.49 20.31 11.12
C ASP B 244 5.08 18.86 10.98
N VAL B 245 6.07 18.01 10.72
CA VAL B 245 5.84 16.55 10.65
C VAL B 245 6.92 15.82 11.42
N GLY B 246 6.55 14.74 12.08
CA GLY B 246 7.57 13.92 12.70
C GLY B 246 7.00 12.86 13.61
N THR B 247 7.92 12.08 14.16
CA THR B 247 7.62 11.16 15.25
C THR B 247 8.60 11.29 16.38
N ASN B 248 8.11 11.05 17.60
CA ASN B 248 8.99 11.05 18.78
C ASN B 248 9.61 9.69 19.05
N VAL B 249 9.18 8.64 18.34
CA VAL B 249 9.88 7.33 18.42
C VAL B 249 9.94 6.66 17.05
N GLY B 250 11.16 6.51 16.53
CA GLY B 250 11.33 5.98 15.16
C GLY B 250 11.89 7.05 14.22
N LEU B 251 11.63 6.87 12.93
CA LEU B 251 12.15 7.77 11.93
C LEU B 251 11.01 8.30 11.10
N THR B 252 11.23 9.50 10.55
CA THR B 252 10.31 10.10 9.58
C THR B 252 11.01 10.12 8.23
N THR B 253 10.39 9.48 7.23
CA THR B 253 10.98 9.47 5.90
C THR B 253 9.91 9.74 4.85
N GLY B 254 10.36 10.12 3.66
CA GLY B 254 9.47 10.27 2.48
C GLY B 254 8.88 11.66 2.31
N PHE B 255 9.01 12.53 3.32
CA PHE B 255 8.56 13.93 3.18
C PHE B 255 9.65 14.75 2.52
N GLN B 256 9.28 15.51 1.49
CA GLN B 256 10.29 16.32 0.77
C GLN B 256 10.25 17.71 1.36
N ALA B 257 11.42 18.21 1.81
CA ALA B 257 11.48 19.46 2.57
C ALA B 257 10.83 20.65 1.83
N ASP B 258 11.06 20.75 0.53
CA ASP B 258 10.50 21.89 -0.22
C ASP B 258 8.97 21.80 -0.39
N ASN B 259 8.38 20.67 -0.03
CA ASN B 259 6.92 20.53 -0.07
C ASN B 259 6.28 20.72 1.31
N VAL B 260 7.10 21.05 2.32
CA VAL B 260 6.57 21.15 3.70
C VAL B 260 6.78 22.60 4.13
N ASN B 261 5.67 23.37 4.22
CA ASN B 261 5.76 24.72 4.80
C ASN B 261 5.79 24.55 6.34
N GLY B 262 7.00 24.30 6.84
CA GLY B 262 7.15 23.87 8.24
C GLY B 262 8.42 23.05 8.30
N THR B 263 8.62 22.37 9.43
CA THR B 263 9.85 21.58 9.67
C THR B 263 9.52 20.08 9.69
N ILE B 264 10.29 19.32 8.92
CA ILE B 264 10.31 17.84 9.02
C ILE B 264 11.31 17.46 10.10
N HIS B 265 10.88 16.74 11.12
CA HIS B 265 11.78 16.26 12.16
C HIS B 265 12.09 14.83 11.76
N SER B 266 13.22 14.65 11.07
CA SER B 266 13.60 13.35 10.50
C SER B 266 13.80 12.30 11.57
N ASN B 267 14.20 12.75 12.75
CA ASN B 267 14.23 11.84 13.90
C ASN B 267 13.78 12.61 15.14
N PRO B 268 13.61 11.90 16.26
CA PRO B 268 13.09 12.53 17.47
C PRO B 268 14.03 13.67 17.95
N ASP B 269 13.45 14.75 18.50
CA ASP B 269 14.27 15.87 18.98
C ASP B 269 13.50 16.56 20.09
N THR B 270 13.98 17.72 20.58
CA THR B 270 13.27 18.32 21.71
C THR B 270 11.84 18.75 21.33
N SER B 271 11.64 19.16 20.08
CA SER B 271 10.29 19.49 19.59
C SER B 271 9.31 18.30 19.56
N THR B 272 9.76 17.16 19.01
CA THR B 272 8.88 15.98 18.97
C THR B 272 8.58 15.50 20.38
N ALA B 273 9.55 15.66 21.29
CA ALA B 273 9.31 15.24 22.67
C ALA B 273 8.23 16.09 23.35
N GLN B 274 8.30 17.42 23.15
CA GLN B 274 7.31 18.32 23.74
C GLN B 274 5.97 18.10 23.05
N ALA B 275 6.00 17.82 21.74
CA ALA B 275 4.75 17.55 21.03
C ALA B 275 4.05 16.27 21.55
N ALA B 276 4.84 15.24 21.89
CA ALA B 276 4.28 14.00 22.38
C ALA B 276 3.61 14.24 23.75
N LEU B 277 4.30 15.00 24.63
CA LEU B 277 3.77 15.34 25.97
C LEU B 277 2.42 16.05 25.78
N ASP B 278 2.41 17.05 24.90
CA ASP B 278 1.23 17.89 24.68
C ASP B 278 0.10 17.12 24.02
N LEU B 279 0.42 16.26 23.06
CA LEU B 279 -0.57 15.40 22.43
C LEU B 279 -1.24 14.51 23.49
N ASN B 280 -0.43 13.90 24.37
CA ASN B 280 -0.96 12.96 25.35
C ASN B 280 -1.90 13.69 26.29
N ASN B 281 -1.51 14.90 26.67
CA ASN B 281 -2.36 15.69 27.54
C ASN B 281 -3.70 16.04 26.87
N ALA B 282 -3.64 16.43 25.60
CA ALA B 282 -4.90 16.71 24.85
C ALA B 282 -5.80 15.46 24.77
N TYR B 283 -5.17 14.32 24.50
CA TYR B 283 -5.91 13.04 24.41
C TYR B 283 -6.63 12.73 25.75
N THR B 284 -5.91 12.81 26.88
CA THR B 284 -6.53 12.44 28.14
C THR B 284 -7.62 13.46 28.52
N TYR B 285 -7.40 14.73 28.16
CA TYR B 285 -8.43 15.73 28.41
C TYR B 285 -9.72 15.37 27.63
N LEU B 286 -9.57 15.03 26.34
CA LEU B 286 -10.74 14.64 25.52
C LEU B 286 -11.50 13.45 26.12
N ASN B 287 -10.76 12.50 26.67
CA ASN B 287 -11.41 11.36 27.39
C ASN B 287 -12.41 11.81 28.45
N THR B 288 -12.05 12.85 29.19
CA THR B 288 -12.84 13.31 30.33
C THR B 288 -14.14 14.02 29.96
N LEU B 289 -14.27 14.45 28.71
CA LEU B 289 -15.51 15.16 28.34
C LEU B 289 -16.69 14.22 28.34
N PRO B 290 -17.77 14.55 29.10
CA PRO B 290 -18.98 13.71 29.10
C PRO B 290 -19.67 13.70 27.71
N THR B 291 -20.26 12.56 27.34
CA THR B 291 -21.03 12.41 26.09
C THR B 291 -22.34 13.17 26.21
N ASP B 292 -22.67 14.00 25.24
CA ASP B 292 -23.98 14.66 25.17
C ASP B 292 -24.95 13.80 24.40
N ILE B 293 -24.50 13.29 23.25
CA ILE B 293 -25.34 12.48 22.35
C ILE B 293 -24.53 11.28 21.87
N GLU B 294 -25.07 10.08 22.05
CA GLU B 294 -24.47 8.91 21.41
C GLU B 294 -25.14 8.69 20.06
N LEU B 295 -24.32 8.59 19.01
CA LEU B 295 -24.83 8.20 17.68
C LEU B 295 -24.82 6.68 17.63
N LEU B 296 -26.00 6.07 17.56
CA LEU B 296 -26.14 4.65 17.91
C LEU B 296 -25.74 3.64 16.82
N TYR B 297 -25.43 4.11 15.60
CA TYR B 297 -25.14 3.21 14.46
C TYR B 297 -23.84 3.64 13.79
N PRO B 298 -22.70 3.35 14.45
CA PRO B 298 -21.41 3.81 13.85
C PRO B 298 -21.05 3.23 12.48
N ALA B 299 -21.58 2.03 12.15
CA ALA B 299 -21.32 1.41 10.83
C ALA B 299 -21.95 2.23 9.73
N ALA B 300 -22.95 3.05 10.08
CA ALA B 300 -23.78 3.81 9.13
C ALA B 300 -23.44 5.30 9.11
N PHE B 301 -22.36 5.68 9.81
CA PHE B 301 -21.93 7.10 9.93
C PHE B 301 -21.71 7.77 8.55
N GLY B 302 -22.10 9.04 8.44
CA GLY B 302 -22.05 9.75 7.16
C GLY B 302 -23.42 9.76 6.54
N GLN B 303 -23.48 9.51 5.23
CA GLN B 303 -24.77 9.46 4.52
C GLN B 303 -25.57 10.73 4.74
N ASN B 304 -24.88 11.86 4.70
CA ASN B 304 -25.48 13.18 4.86
C ASN B 304 -26.04 13.52 6.24
N LEU B 305 -25.47 12.87 7.26
CA LEU B 305 -25.74 13.21 8.67
C LEU B 305 -25.29 14.64 8.92
N VAL B 306 -26.08 15.39 9.68
CA VAL B 306 -25.69 16.72 10.12
C VAL B 306 -25.62 16.71 11.65
N LEU B 307 -24.54 17.25 12.21
CA LEU B 307 -24.35 17.30 13.65
C LEU B 307 -24.26 18.76 14.11
N THR B 308 -24.43 19.00 15.41
CA THR B 308 -24.43 20.34 15.99
C THR B 308 -23.41 20.40 17.15
N PRO B 309 -23.18 21.61 17.72
CA PRO B 309 -22.08 21.65 18.71
C PRO B 309 -22.35 20.82 19.98
N HIS B 310 -21.58 19.76 20.15
CA HIS B 310 -21.79 18.78 21.24
C HIS B 310 -20.55 17.92 21.31
N THR B 311 -20.49 17.11 22.37
CA THR B 311 -19.60 15.96 22.44
C THR B 311 -20.40 14.73 22.06
N TYR B 312 -19.97 14.07 20.99
CA TYR B 312 -20.67 12.88 20.45
C TYR B 312 -19.88 11.64 20.74
N LEU B 313 -20.58 10.53 20.94
CA LEU B 313 -19.93 9.23 21.07
C LEU B 313 -20.45 8.27 19.99
N LEU B 314 -19.51 7.68 19.25
CA LEU B 314 -19.79 6.53 18.36
C LEU B 314 -19.12 5.34 19.05
N ASN B 315 -19.92 4.47 19.67
CA ASN B 315 -19.34 3.47 20.57
C ASN B 315 -18.97 2.15 19.91
N ALA B 316 -18.49 2.21 18.67
CA ALA B 316 -18.08 1.04 17.90
C ALA B 316 -17.17 1.47 16.78
N ALA B 317 -16.56 0.50 16.11
CA ALA B 317 -15.86 0.80 14.86
C ALA B 317 -16.77 1.63 13.94
N THR B 318 -16.21 2.69 13.35
CA THR B 318 -17.00 3.68 12.63
C THR B 318 -16.53 3.70 11.18
N VAL B 319 -17.47 3.68 10.25
CA VAL B 319 -17.13 3.92 8.85
C VAL B 319 -17.77 5.23 8.43
N LEU B 320 -16.99 6.18 7.94
CA LEU B 320 -17.59 7.39 7.37
C LEU B 320 -17.89 7.12 5.89
N ASN B 321 -19.17 7.03 5.57
CA ASN B 321 -19.59 6.77 4.19
C ASN B 321 -20.12 8.09 3.62
N GLY B 322 -19.42 8.66 2.63
CA GLY B 322 -19.90 9.92 2.07
C GLY B 322 -19.68 11.07 3.05
N LYS B 323 -20.70 11.93 3.22
CA LYS B 323 -20.55 13.22 3.88
C LYS B 323 -21.15 13.21 5.29
N VAL B 324 -20.39 13.77 6.24
CA VAL B 324 -20.97 14.29 7.47
C VAL B 324 -20.77 15.80 7.51
N THR B 325 -21.78 16.54 7.99
CA THR B 325 -21.72 18.01 8.04
C THR B 325 -21.78 18.44 9.49
N LEU B 326 -20.92 19.40 9.86
CA LEU B 326 -20.95 20.00 11.19
C LEU B 326 -21.51 21.44 11.11
N ASP B 327 -22.58 21.67 11.85
CA ASP B 327 -23.40 22.90 11.70
C ASP B 327 -23.28 23.67 13.03
N ALA B 328 -22.57 24.80 12.98
CA ALA B 328 -22.36 25.61 14.18
C ALA B 328 -23.56 26.50 14.49
N GLN B 329 -24.56 26.49 13.60
CA GLN B 329 -25.82 27.28 13.81
C GLN B 329 -25.57 28.77 14.04
N GLY B 330 -24.55 29.30 13.39
CA GLY B 330 -24.29 30.73 13.40
C GLY B 330 -23.30 31.17 14.45
N ASN B 331 -22.88 30.24 15.31
CA ASN B 331 -21.89 30.50 16.36
C ASN B 331 -20.49 30.10 15.91
N GLU B 332 -19.67 31.07 15.46
CA GLU B 332 -18.38 30.68 14.87
C GLU B 332 -17.42 30.04 15.89
N ASN B 333 -17.65 30.26 17.18
CA ASN B 333 -16.78 29.67 18.20
C ASN B 333 -17.24 28.33 18.71
N ALA B 334 -18.27 27.78 18.07
CA ALA B 334 -18.80 26.47 18.49
C ALA B 334 -17.75 25.37 18.32
N VAL B 335 -17.77 24.42 19.24
CA VAL B 335 -16.79 23.31 19.28
C VAL B 335 -17.53 22.02 19.09
N PHE B 336 -16.94 21.13 18.28
CA PHE B 336 -17.47 19.79 18.05
C PHE B 336 -16.42 18.79 18.52
N VAL B 337 -16.82 17.83 19.35
CA VAL B 337 -15.92 16.74 19.75
C VAL B 337 -16.59 15.42 19.36
N ILE B 338 -15.91 14.61 18.54
CA ILE B 338 -16.51 13.34 18.11
C ILE B 338 -15.61 12.22 18.61
N LYS B 339 -16.12 11.42 19.55
CA LYS B 339 -15.29 10.37 20.12
C LYS B 339 -15.71 9.02 19.54
N ILE B 340 -14.72 8.23 19.09
CA ILE B 340 -14.98 6.94 18.44
C ILE B 340 -14.30 5.81 19.22
N ASN B 341 -15.10 4.86 19.72
CA ASN B 341 -14.53 3.74 20.44
C ASN B 341 -14.41 2.57 19.49
N GLY B 342 -13.32 2.55 18.72
CA GLY B 342 -13.10 1.57 17.67
C GLY B 342 -12.32 2.21 16.53
N ALA B 343 -11.98 1.41 15.53
CA ALA B 343 -11.23 1.92 14.37
C ALA B 343 -12.11 2.84 13.56
N LEU B 344 -11.52 3.89 12.98
CA LEU B 344 -12.24 4.74 12.02
C LEU B 344 -11.74 4.39 10.61
N SER B 345 -12.67 4.20 9.69
CA SER B 345 -12.28 4.03 8.29
C SER B 345 -13.27 4.86 7.51
N THR B 346 -13.00 5.02 6.22
CA THR B 346 -13.92 5.78 5.40
C THR B 346 -14.08 5.11 4.02
N THR B 347 -15.11 5.53 3.32
CA THR B 347 -15.18 5.23 1.89
C THR B 347 -14.26 6.18 1.08
N VAL B 348 -13.95 5.82 -0.16
CA VAL B 348 -13.33 6.80 -1.08
C VAL B 348 -14.30 7.97 -1.22
N ASN B 349 -13.74 9.16 -1.44
CA ASN B 349 -14.57 10.38 -1.64
C ASN B 349 -15.38 10.78 -0.39
N ALA B 350 -15.08 10.22 0.78
CA ALA B 350 -15.78 10.64 2.01
C ALA B 350 -15.45 12.11 2.34
N SER B 351 -16.33 12.80 3.07
CA SER B 351 -16.04 14.20 3.37
C SER B 351 -16.59 14.66 4.70
N VAL B 352 -15.93 15.66 5.26
CA VAL B 352 -16.42 16.37 6.46
C VAL B 352 -16.67 17.79 5.94
N GLU B 353 -17.88 18.28 6.11
CA GLU B 353 -18.18 19.63 5.64
C GLU B 353 -18.63 20.48 6.83
N LEU B 354 -18.38 21.77 6.73
CA LEU B 354 -18.69 22.71 7.81
C LEU B 354 -19.67 23.78 7.33
N ILE B 355 -20.71 24.05 8.10
CA ILE B 355 -21.69 25.09 7.70
C ILE B 355 -22.06 26.04 8.85
N ASN B 356 -22.67 27.16 8.50
CA ASN B 356 -23.22 28.13 9.48
C ASN B 356 -22.20 28.56 10.53
N GLY B 357 -20.97 28.78 10.06
CA GLY B 357 -19.90 29.36 10.84
C GLY B 357 -18.94 28.38 11.46
N ALA B 358 -19.20 27.07 11.32
CA ALA B 358 -18.26 26.06 11.88
C ALA B 358 -16.88 26.21 11.20
N ILE B 359 -15.83 26.16 12.01
CA ILE B 359 -14.45 26.19 11.48
C ILE B 359 -13.64 25.00 11.98
N ALA B 360 -12.68 24.58 11.17
CA ALA B 360 -12.00 23.32 11.41
C ALA B 360 -11.12 23.37 12.66
N LYS B 361 -10.65 24.54 13.06
CA LYS B 361 -9.83 24.61 14.29
C LYS B 361 -10.62 24.19 15.53
N ASN B 362 -11.96 24.19 15.40
CA ASN B 362 -12.84 23.89 16.54
C ASN B 362 -13.48 22.51 16.47
N VAL B 363 -12.95 21.68 15.59
CA VAL B 363 -13.45 20.31 15.39
C VAL B 363 -12.38 19.31 15.82
N PHE B 364 -12.77 18.38 16.71
CA PHE B 364 -11.82 17.39 17.29
C PHE B 364 -12.38 15.99 17.17
N TRP B 365 -11.54 15.06 16.73
CA TRP B 365 -11.94 13.65 16.65
C TRP B 365 -11.03 12.86 17.55
N LYS B 366 -11.59 12.00 18.40
CA LYS B 366 -10.71 11.25 19.29
C LYS B 366 -11.03 9.79 19.01
N VAL B 367 -10.06 9.07 18.45
CA VAL B 367 -10.30 7.70 17.95
C VAL B 367 -9.48 6.69 18.74
N ASP B 368 -10.15 5.78 19.44
CA ASP B 368 -9.45 4.71 20.14
C ASP B 368 -9.44 3.48 19.23
N GLY B 369 -8.47 3.45 18.33
CA GLY B 369 -8.33 2.41 17.34
C GLY B 369 -7.50 2.94 16.20
N ALA B 370 -7.34 2.10 15.17
CA ALA B 370 -6.70 2.53 13.91
C ALA B 370 -7.50 3.62 13.20
N VAL B 371 -6.80 4.44 12.40
CA VAL B 371 -7.45 5.49 11.61
C VAL B 371 -7.01 5.29 10.17
N ASP B 372 -7.97 5.16 9.26
CA ASP B 372 -7.62 4.95 7.86
C ASP B 372 -8.52 5.88 7.04
N LEU B 373 -7.93 6.91 6.43
CA LEU B 373 -8.68 7.81 5.58
C LEU B 373 -8.51 7.33 4.15
N ASN B 374 -9.61 6.96 3.50
CA ASN B 374 -9.54 6.33 2.19
C ASN B 374 -9.32 7.37 1.09
N ASP B 375 -8.98 6.89 -0.11
CA ASP B 375 -8.58 7.75 -1.23
C ASP B 375 -9.55 8.94 -1.44
N TYR B 376 -8.98 10.13 -1.59
CA TYR B 376 -9.75 11.35 -1.95
C TYR B 376 -10.80 11.77 -0.89
N THR B 377 -10.58 11.37 0.35
CA THR B 377 -11.42 11.87 1.43
C THR B 377 -11.01 13.31 1.75
N LYS B 378 -12.00 14.14 2.12
CA LYS B 378 -11.74 15.52 2.47
C LYS B 378 -12.06 15.61 3.95
N PHE B 379 -11.04 15.49 4.81
CA PHE B 379 -11.27 15.49 6.24
C PHE B 379 -10.99 16.85 6.85
N LYS B 380 -11.71 17.17 7.93
CA LYS B 380 -11.52 18.47 8.61
C LYS B 380 -11.50 18.29 10.11
N GLY B 381 -10.65 19.03 10.79
CA GLY B 381 -10.54 18.97 12.25
C GLY B 381 -9.23 18.35 12.66
N SER B 382 -9.03 18.27 13.97
CA SER B 382 -7.82 17.65 14.53
C SER B 382 -8.19 16.20 14.93
N VAL B 383 -7.58 15.22 14.26
CA VAL B 383 -7.81 13.81 14.59
C VAL B 383 -6.71 13.34 15.54
N ILE B 384 -7.12 12.85 16.71
CA ILE B 384 -6.21 12.21 17.65
C ILE B 384 -6.53 10.72 17.69
N GLY B 385 -5.68 9.95 17.03
CA GLY B 385 -5.80 8.50 16.99
C GLY B 385 -5.00 8.00 18.18
N ASN B 386 -5.48 6.92 18.79
CA ASN B 386 -4.78 6.33 19.94
C ASN B 386 -4.91 4.82 19.76
N ASN B 387 -3.84 4.07 20.00
CA ASN B 387 -3.92 2.59 20.03
C ASN B 387 -4.22 2.01 18.64
N GLY B 388 -3.56 2.54 17.62
CA GLY B 388 -3.69 1.93 16.28
C GLY B 388 -2.85 2.64 15.26
N ALA B 389 -2.52 1.91 14.18
CA ALA B 389 -1.76 2.53 13.08
C ALA B 389 -2.65 3.46 12.27
N VAL B 390 -2.03 4.40 11.58
CA VAL B 390 -2.78 5.40 10.78
C VAL B 390 -2.36 5.25 9.33
N ILE B 391 -3.32 5.19 8.42
CA ILE B 391 -3.01 5.22 6.97
C ILE B 391 -3.81 6.38 6.36
N ILE B 392 -3.15 7.25 5.61
CA ILE B 392 -3.84 8.35 4.92
C ILE B 392 -3.54 8.14 3.43
N ASN B 393 -4.58 7.80 2.67
CA ASN B 393 -4.44 7.30 1.30
C ASN B 393 -4.39 8.37 0.22
N THR B 394 -4.07 7.94 -1.01
CA THR B 394 -3.89 8.84 -2.13
C THR B 394 -4.92 9.98 -2.19
N GLY B 395 -4.44 11.23 -2.25
CA GLY B 395 -5.30 12.34 -2.63
C GLY B 395 -6.08 12.92 -1.46
N VAL B 396 -5.92 12.34 -0.26
CA VAL B 396 -6.69 12.87 0.92
C VAL B 396 -6.29 14.33 1.13
N GLU B 397 -7.26 15.16 1.52
CA GLU B 397 -6.98 16.55 1.85
C GLU B 397 -7.36 16.66 3.30
N ILE B 398 -6.46 17.20 4.12
CA ILE B 398 -6.72 17.42 5.56
C ILE B 398 -6.68 18.92 5.83
N GLU B 399 -7.74 19.46 6.44
CA GLU B 399 -7.71 20.84 6.93
C GLU B 399 -7.78 20.66 8.44
N GLY B 400 -6.63 20.70 9.11
CA GLY B 400 -6.55 20.30 10.52
C GLY B 400 -5.26 19.51 10.67
N ARG B 401 -5.32 18.36 11.32
CA ARG B 401 -4.09 17.59 11.54
C ARG B 401 -4.47 16.17 11.89
N VAL B 402 -3.51 15.26 11.67
CA VAL B 402 -3.71 13.86 11.98
C VAL B 402 -2.57 13.46 12.90
N LEU B 403 -2.97 13.07 14.10
CA LEU B 403 -2.03 12.86 15.20
C LEU B 403 -2.27 11.45 15.70
N SER B 404 -1.19 10.79 16.13
CA SER B 404 -1.30 9.41 16.67
C SER B 404 -0.52 9.35 17.97
N THR B 405 -1.18 8.93 19.06
CA THR B 405 -0.46 8.80 20.33
C THR B 405 0.49 7.61 20.29
N SER B 406 0.16 6.60 19.49
CA SER B 406 0.84 5.30 19.56
C SER B 406 0.44 4.48 18.32
N GLY B 407 1.14 4.71 17.26
CA GLY B 407 0.96 3.92 16.07
C GLY B 407 1.76 4.63 15.03
N GLY B 408 2.30 3.85 14.07
CA GLY B 408 2.99 4.44 12.92
C GLY B 408 1.95 5.11 12.03
N ILE B 409 2.41 6.02 11.20
CA ILE B 409 1.55 6.71 10.25
C ILE B 409 2.14 6.54 8.84
N SER B 410 1.32 6.11 7.89
CA SER B 410 1.76 5.97 6.50
C SER B 410 0.88 6.87 5.68
N THR B 411 1.48 7.75 4.88
CA THR B 411 0.73 8.67 4.02
C THR B 411 1.16 8.51 2.57
N PHE B 412 0.20 8.75 1.68
CA PHE B 412 0.38 8.54 0.23
C PHE B 412 -0.20 9.74 -0.49
N GLY B 413 0.67 10.60 -1.00
CA GLY B 413 0.19 11.63 -1.93
C GLY B 413 -0.94 12.48 -1.40
N ILE B 414 -0.70 13.09 -0.24
CA ILE B 414 -1.74 13.84 0.46
C ILE B 414 -1.45 15.32 0.49
N ASN B 415 -2.46 16.10 0.86
CA ASN B 415 -2.28 17.51 1.08
C ASN B 415 -2.86 17.84 2.44
N ALA B 416 -2.00 18.19 3.40
CA ALA B 416 -2.49 18.42 4.75
C ALA B 416 -2.05 19.77 5.27
N GLN B 417 -2.99 20.57 5.78
CA GLN B 417 -2.66 21.95 6.15
C GLN B 417 -3.21 22.26 7.54
N MET B 418 -2.33 22.61 8.48
CA MET B 418 -2.82 22.88 9.85
C MET B 418 -3.82 24.04 9.91
N THR B 419 -4.75 23.97 10.89
CA THR B 419 -5.66 25.07 11.19
C THR B 419 -4.95 26.03 12.20
N PRO B 420 -5.51 27.24 12.41
CA PRO B 420 -4.79 28.28 13.15
C PRO B 420 -4.43 27.92 14.62
N GLY B 421 -3.36 28.52 15.09
CA GLY B 421 -3.02 28.42 16.51
C GLY B 421 -1.52 28.44 16.73
N CYS B 422 -0.77 27.90 15.76
CA CYS B 422 0.68 27.91 15.86
C CYS B 422 1.22 29.34 15.79
N GLU B 423 2.19 29.65 16.65
CA GLU B 423 2.73 31.01 16.71
C GLU B 423 4.24 31.02 16.40
N LEU B 424 4.74 29.91 15.88
CA LEU B 424 6.16 29.74 15.51
C LEU B 424 6.72 30.78 14.53
N LEU B 425 6.28 30.74 13.27
CA LEU B 425 6.98 31.49 12.22
C LEU B 425 6.06 32.22 11.26
N NO3 C . -11.59 -2.41 -13.99
O1 NO3 C . -11.54 -1.65 -14.94
O2 NO3 C . -10.78 -2.31 -12.85
O3 NO3 C . -12.46 -3.47 -14.01
#